data_9F76
#
_entry.id   9F76
#
_cell.length_a   1.00
_cell.length_b   1.00
_cell.length_c   1.00
_cell.angle_alpha   90.00
_cell.angle_beta   90.00
_cell.angle_gamma   90.00
#
_symmetry.space_group_name_H-M   'P 1'
#
_entity_poly.entity_id   1
_entity_poly.type   'polypeptide(L)'
_entity_poly.pdbx_seq_one_letter_code
;METQLQSIFEEVVKTEVIEEAFPGMFMDTPEDEKTKLISCLGAFRQFWGGLSQESHEQCIQWIVKFIHGQHSPKRISFLY
DCLAMAVETGLLPPRLVCESLINSDTLEWERTQLWALTFKLVRKIIGGVDYKGVRDLLKVILEKILTIPNTVSSAVVQQL
LAAREVIAYILERNACLLPAYFAVTEIRKLYPEGKLPHWLLGNLVSDFVDTFRPTARINSICGRCSLLPVVNNSGAICNS
WKLDPATLRFPLKGLLPYDKDLFEPQTALLRYVLEQPYSRDMVCNMLGLNKQHKQRCPVLEDQLVDLVVYAMERSETEEK
FDDGGTSQLLWQHLSSQLIFFVLFQFASFPHMVLSLHQKLAGRGLIKGRDHLMWVLLQFISGSIQKNALADFLPVMKLFD
LLYPEKEYIPVPDINKPQSTHAFAMTCIWIHLNRKAQNDNSKLQIPIPHSLRLHHEFLQQSLRNKSLQMNDYKIALLCNA
YSTNSECFTLPMGALVETIYGNGIMRIPLPGTNCMASGSITPLPMNLLDSLTVHAKMSLIHSIATRVIKLAHAKSSVALA
PALVETYSRLLVYMEIESLGIKGFISQLLPTVFKSHAWGILHTLLEMFSYRMHHIQPHYRVQLLSHLHTLAAVAQTNQNQ
LHLCVESTALRLITALGSSEVQPQFTRFLSDPKTVLSAESEELNRALILTLARATHVTDFFTGSDSIQGTWCKDILQTIM
SFTPHNWASHTLSCFPGPLQAFFKQNNVPQESRFNLKKNVEEEYRKWKSMSNENDIITHFSMQGSPPLFLCLLWKMLLET
DHINQIGYRVLERIGARALVAHVRTFADFLVYEFSTSAGGQQLNKCIEILNDMVWKYNIVTLDRLILCLAMRSHEGNEAQ
VCYFIIQLLLLKPNDFRNRVSDFVKENSPEHWLQNDWHTKHMNYHKKYPEKLYFEGLAEQVDPPVQIQSPYLPIYFGNVC
LRFLPVFDIVIHRFLELLPVSKSLETLLDHLGGLYKFHDRPVTYLYNTLHYYEMHLRDRAFLKRKLVHAIIGSLKDNRPQ
GWCLSDTYLKCAMNAREENPWVPDDTYYCRLIGRLVDTMAGKSPGPFPNCDWRFNEFPNPAAHALHVTCVELMALAVSGK
EVGNALLNVVLKSQPLVPRENITAWMNAIGLIITALPEPYWIVLHDRIVSVISSPSLTSETEWVGYPFRLFDFTACHQSY
SEMSCSYTLALAHAVWHHSSIGQLSLIPKFLTEVLLPIVKTEFQLLYVYHLVGPFLQRFQQERTRCMIEIGVAFYDMLLN
VDQCSTHLNYMDPICDFLYHMKYMFTGDSVKEQVEKIICNLKPALKLRLRFITHISKMEPAAVPPQAMNSGSPAPQSNQV
PVSLPVTQDVLFQGPGHHHHHH
;
_entity_poly.pdbx_strand_id   A
#
# COMPACT_ATOMS: atom_id res chain seq x y z
N GLU A 54 32.65 45.72 -26.19
CA GLU A 54 33.26 45.47 -27.49
C GLU A 54 34.76 45.62 -27.45
N SER A 55 35.24 46.88 -27.47
CA SER A 55 36.65 47.15 -27.60
C SER A 55 37.45 46.75 -26.36
N HIS A 56 36.79 46.54 -25.22
CA HIS A 56 37.52 46.12 -24.02
C HIS A 56 38.14 44.75 -24.21
N GLU A 57 37.35 43.79 -24.70
CA GLU A 57 37.89 42.45 -24.94
C GLU A 57 38.95 42.47 -26.03
N GLN A 58 38.70 43.22 -27.11
CA GLN A 58 39.66 43.28 -28.21
C GLN A 58 40.98 43.92 -27.79
N CYS A 59 40.91 45.03 -27.04
CA CYS A 59 42.14 45.71 -26.63
C CYS A 59 42.94 44.87 -25.64
N ILE A 60 42.25 44.22 -24.70
CA ILE A 60 42.95 43.34 -23.77
C ILE A 60 43.59 42.17 -24.51
N GLN A 61 42.85 41.57 -25.45
CA GLN A 61 43.41 40.46 -26.22
C GLN A 61 44.61 40.89 -27.03
N TRP A 62 44.54 42.09 -27.64
CA TRP A 62 45.68 42.59 -28.42
C TRP A 62 46.90 42.83 -27.53
N ILE A 63 46.69 43.44 -26.36
CA ILE A 63 47.81 43.70 -25.46
C ILE A 63 48.43 42.41 -24.98
N VAL A 64 47.59 41.44 -24.60
CA VAL A 64 48.10 40.17 -24.09
C VAL A 64 48.78 39.38 -25.22
N LYS A 65 48.21 39.43 -26.43
CA LYS A 65 48.83 38.71 -27.55
C LYS A 65 50.16 39.33 -27.94
N PHE A 66 50.24 40.67 -27.97
CA PHE A 66 51.54 41.33 -28.11
C PHE A 66 52.51 40.85 -27.04
N ILE A 67 52.01 40.65 -25.83
CA ILE A 67 52.84 40.17 -24.74
C ILE A 67 53.27 38.72 -25.00
N HIS A 68 52.36 37.91 -25.53
CA HIS A 68 52.71 36.55 -25.92
C HIS A 68 53.82 36.55 -26.96
N GLY A 69 53.68 37.38 -27.99
CA GLY A 69 54.66 37.42 -29.06
C GLY A 69 55.96 38.11 -28.70
N GLN A 70 55.94 38.95 -27.67
CA GLN A 70 57.16 39.62 -27.24
C GLN A 70 58.14 38.62 -26.64
N HIS A 71 59.36 38.61 -27.15
CA HIS A 71 60.40 37.72 -26.67
C HIS A 71 61.15 38.28 -25.47
N SER A 72 60.68 39.39 -24.90
CA SER A 72 61.32 40.01 -23.75
C SER A 72 60.46 39.80 -22.51
N PRO A 73 60.85 38.91 -21.60
CA PRO A 73 60.08 38.75 -20.35
C PRO A 73 60.02 40.01 -19.52
N LYS A 74 61.06 40.85 -19.56
CA LYS A 74 61.03 42.10 -18.83
C LYS A 74 59.93 43.03 -19.35
N ARG A 75 59.82 43.16 -20.67
CA ARG A 75 58.73 43.94 -21.24
C ARG A 75 57.38 43.28 -20.97
N ILE A 76 57.35 41.95 -20.92
CA ILE A 76 56.13 41.23 -20.57
C ILE A 76 55.68 41.62 -19.15
N SER A 77 56.62 41.61 -18.20
CA SER A 77 56.29 41.97 -16.83
C SER A 77 55.90 43.43 -16.72
N PHE A 78 56.58 44.31 -17.46
CA PHE A 78 56.26 45.73 -17.42
C PHE A 78 54.84 46.00 -17.90
N LEU A 79 54.41 45.32 -18.96
CA LEU A 79 53.07 45.53 -19.48
C LEU A 79 52.01 44.92 -18.55
N TYR A 80 52.30 43.78 -17.93
CA TYR A 80 51.41 43.27 -16.89
C TYR A 80 51.30 44.24 -15.72
N ASP A 81 52.42 44.82 -15.29
CA ASP A 81 52.36 45.79 -14.19
C ASP A 81 51.54 47.01 -14.57
N CYS A 82 51.67 47.48 -15.81
CA CYS A 82 50.84 48.59 -16.27
C CYS A 82 49.37 48.20 -16.27
N LEU A 83 49.04 46.99 -16.72
CA LEU A 83 47.65 46.53 -16.68
C LEU A 83 47.15 46.43 -15.26
N ALA A 84 47.99 45.93 -14.34
CA ALA A 84 47.60 45.84 -12.94
C ALA A 84 47.32 47.21 -12.36
N MET A 85 48.15 48.20 -12.68
CA MET A 85 47.91 49.57 -12.21
C MET A 85 46.61 50.13 -12.79
N ALA A 86 46.33 49.85 -14.06
CA ALA A 86 45.09 50.31 -14.67
C ALA A 86 43.88 49.69 -13.98
N VAL A 87 43.95 48.41 -13.64
CA VAL A 87 42.88 47.78 -12.89
C VAL A 87 42.76 48.38 -11.49
N GLU A 88 43.90 48.67 -10.86
CA GLU A 88 43.87 49.21 -9.50
C GLU A 88 43.20 50.58 -9.45
N THR A 89 43.48 51.43 -10.43
CA THR A 89 42.89 52.77 -10.47
C THR A 89 41.44 52.77 -10.93
N GLY A 90 40.91 51.62 -11.35
CA GLY A 90 39.52 51.54 -11.78
C GLY A 90 39.29 51.80 -13.25
N LEU A 91 40.33 51.73 -14.07
CA LEU A 91 40.17 52.01 -15.51
C LEU A 91 39.38 50.92 -16.22
N LEU A 92 39.52 49.66 -15.79
CA LEU A 92 38.87 48.55 -16.47
C LEU A 92 38.11 47.70 -15.46
N PRO A 93 37.04 47.05 -15.89
CA PRO A 93 36.31 46.15 -15.00
C PRO A 93 37.12 44.92 -14.67
N PRO A 94 37.35 44.64 -13.39
CA PRO A 94 38.19 43.47 -13.02
C PRO A 94 37.63 42.15 -13.50
N ARG A 95 36.30 41.98 -13.52
CA ARG A 95 35.72 40.73 -14.00
C ARG A 95 36.01 40.53 -15.48
N LEU A 96 35.87 41.58 -16.29
CA LEU A 96 36.18 41.47 -17.71
C LEU A 96 37.66 41.21 -17.94
N VAL A 97 38.53 41.85 -17.15
CA VAL A 97 39.97 41.62 -17.28
C VAL A 97 40.31 40.18 -16.95
N CYS A 98 39.74 39.64 -15.86
CA CYS A 98 40.01 38.27 -15.48
C CYS A 98 39.52 37.29 -16.54
N GLU A 99 38.31 37.53 -17.07
CA GLU A 99 37.76 36.64 -18.09
C GLU A 99 38.61 36.66 -19.36
N SER A 100 39.02 37.85 -19.80
CA SER A 100 39.81 37.94 -21.03
C SER A 100 41.20 37.32 -20.85
N LEU A 101 41.82 37.55 -19.68
CA LEU A 101 43.15 37.00 -19.44
C LEU A 101 43.14 35.47 -19.44
N ILE A 102 42.13 34.87 -18.81
CA ILE A 102 42.10 33.42 -18.67
C ILE A 102 41.57 32.75 -19.94
N ASN A 103 40.63 33.38 -20.63
CA ASN A 103 40.07 32.83 -21.85
C ASN A 103 40.91 33.14 -23.09
N SER A 104 42.03 33.85 -22.93
CA SER A 104 42.91 34.11 -24.06
C SER A 104 43.43 32.80 -24.64
N ASP A 105 43.30 32.65 -25.95
CA ASP A 105 43.63 31.38 -26.60
C ASP A 105 45.12 31.16 -26.70
N THR A 106 45.90 32.23 -26.86
CA THR A 106 47.34 32.08 -27.05
C THR A 106 48.04 31.65 -25.78
N LEU A 107 47.46 31.91 -24.61
CA LEU A 107 48.04 31.47 -23.35
C LEU A 107 48.17 29.95 -23.30
N GLU A 108 49.40 29.45 -23.27
CA GLU A 108 49.67 28.02 -23.31
C GLU A 108 50.65 27.66 -22.20
N TRP A 109 50.57 26.40 -21.76
CA TRP A 109 51.46 25.92 -20.70
C TRP A 109 52.91 25.84 -21.13
N GLU A 110 53.18 25.79 -22.44
CA GLU A 110 54.55 25.64 -22.91
C GLU A 110 55.41 26.83 -22.50
N ARG A 111 54.88 28.04 -22.62
CA ARG A 111 55.60 29.24 -22.19
C ARG A 111 55.42 29.38 -20.68
N THR A 112 56.31 28.72 -19.93
CA THR A 112 56.14 28.61 -18.49
C THR A 112 56.24 29.95 -17.78
N GLN A 113 57.19 30.79 -18.19
CA GLN A 113 57.30 32.12 -17.58
C GLN A 113 56.08 32.98 -17.93
N LEU A 114 55.63 32.89 -19.18
CA LEU A 114 54.46 33.65 -19.61
C LEU A 114 53.21 33.19 -18.85
N TRP A 115 53.04 31.87 -18.68
CA TRP A 115 51.92 31.35 -17.92
C TRP A 115 51.97 31.79 -16.46
N ALA A 116 53.16 31.73 -15.85
CA ALA A 116 53.29 32.09 -14.44
C ALA A 116 52.97 33.57 -14.21
N LEU A 117 53.47 34.44 -15.09
CA LEU A 117 53.21 35.87 -14.94
C LEU A 117 51.75 36.19 -15.13
N THR A 118 51.08 35.54 -16.09
CA THR A 118 49.66 35.76 -16.28
C THR A 118 48.87 35.32 -15.06
N PHE A 119 49.22 34.16 -14.49
CA PHE A 119 48.52 33.69 -13.30
C PHE A 119 48.89 34.50 -12.06
N LYS A 120 50.09 35.07 -12.03
CA LYS A 120 50.42 36.02 -10.97
C LYS A 120 49.56 37.27 -11.07
N LEU A 121 49.35 37.76 -12.29
CA LEU A 121 48.53 38.96 -12.47
C LEU A 121 47.09 38.72 -12.05
N VAL A 122 46.50 37.60 -12.48
CA VAL A 122 45.11 37.32 -12.12
C VAL A 122 45.00 37.12 -10.61
N ARG A 123 46.00 36.49 -9.99
CA ARG A 123 45.98 36.34 -8.53
C ARG A 123 45.96 37.69 -7.84
N LYS A 124 46.73 38.66 -8.35
CA LYS A 124 46.81 39.97 -7.72
C LYS A 124 45.48 40.72 -7.82
N ILE A 125 44.79 40.62 -8.94
CA ILE A 125 43.63 41.46 -9.21
C ILE A 125 42.33 40.66 -9.26
N ILE A 126 42.30 39.46 -8.65
CA ILE A 126 41.09 38.65 -8.67
C ILE A 126 40.12 39.00 -7.55
N GLY A 127 40.56 39.78 -6.57
CA GLY A 127 39.77 40.03 -5.39
C GLY A 127 38.65 41.03 -5.51
N GLY A 128 38.41 41.60 -6.68
CA GLY A 128 37.38 42.60 -6.84
C GLY A 128 36.20 42.17 -7.71
N VAL A 129 35.75 40.93 -7.53
CA VAL A 129 34.69 40.36 -8.36
C VAL A 129 33.58 39.84 -7.45
N ASP A 130 32.34 39.96 -7.92
CA ASP A 130 31.20 39.41 -7.19
C ASP A 130 31.30 37.89 -7.11
N TYR A 131 30.56 37.32 -6.16
CA TYR A 131 30.74 35.89 -5.84
C TYR A 131 30.35 35.00 -7.01
N LYS A 132 29.32 35.39 -7.77
CA LYS A 132 28.98 34.63 -8.97
C LYS A 132 30.12 34.68 -9.99
N GLY A 133 30.77 35.83 -10.13
CA GLY A 133 31.91 35.91 -11.02
C GLY A 133 33.05 35.03 -10.57
N VAL A 134 33.37 35.06 -9.27
CA VAL A 134 34.44 34.22 -8.73
C VAL A 134 34.13 32.75 -8.96
N ARG A 135 32.86 32.38 -8.85
CA ARG A 135 32.45 31.01 -9.14
C ARG A 135 32.72 30.65 -10.59
N ASP A 136 32.38 31.57 -11.51
CA ASP A 136 32.62 31.32 -12.94
C ASP A 136 34.11 31.29 -13.25
N LEU A 137 34.88 32.22 -12.68
CA LEU A 137 36.32 32.20 -12.89
C LEU A 137 36.97 30.96 -12.28
N LEU A 138 36.42 30.46 -11.17
CA LEU A 138 36.88 29.18 -10.64
C LEU A 138 36.59 28.04 -11.63
N LYS A 139 35.42 28.09 -12.27
CA LYS A 139 35.05 27.09 -13.27
C LYS A 139 36.03 27.07 -14.43
N VAL A 140 36.35 28.25 -14.98
CA VAL A 140 37.21 28.30 -16.16
C VAL A 140 38.66 27.99 -15.79
N ILE A 141 39.10 28.40 -14.58
CA ILE A 141 40.46 28.10 -14.16
C ILE A 141 40.66 26.60 -14.02
N LEU A 142 39.70 25.91 -13.41
CA LEU A 142 39.81 24.46 -13.25
C LEU A 142 39.79 23.77 -14.60
N GLU A 143 38.98 24.26 -15.53
CA GLU A 143 38.97 23.71 -16.88
C GLU A 143 40.32 23.88 -17.56
N LYS A 144 40.94 25.05 -17.41
CA LYS A 144 42.24 25.29 -18.04
C LYS A 144 43.32 24.44 -17.42
N ILE A 145 43.29 24.26 -16.09
CA ILE A 145 44.29 23.44 -15.42
C ILE A 145 44.16 21.98 -15.83
N LEU A 146 42.94 21.50 -16.07
CA LEU A 146 42.72 20.10 -16.42
C LEU A 146 43.46 19.71 -17.70
N THR A 147 43.76 20.67 -18.58
CA THR A 147 44.45 20.37 -19.83
C THR A 147 45.90 19.95 -19.62
N ILE A 148 46.45 20.12 -18.42
CA ILE A 148 47.85 19.77 -18.18
C ILE A 148 48.00 18.26 -18.16
N PRO A 149 48.97 17.70 -18.89
CA PRO A 149 49.19 16.26 -18.85
C PRO A 149 49.81 15.81 -17.53
N ASN A 150 49.82 14.49 -17.33
CA ASN A 150 50.31 13.93 -16.08
C ASN A 150 51.79 14.21 -15.86
N THR A 151 52.60 14.09 -16.93
CA THR A 151 54.04 14.22 -16.83
C THR A 151 54.50 15.49 -17.52
N VAL A 152 55.32 16.29 -16.83
CA VAL A 152 55.88 17.51 -17.37
C VAL A 152 57.37 17.53 -17.04
N SER A 153 58.06 18.50 -17.64
CA SER A 153 59.49 18.67 -17.37
C SER A 153 59.72 19.15 -15.94
N SER A 154 60.82 18.72 -15.35
CA SER A 154 61.14 19.08 -13.98
C SER A 154 61.58 20.54 -13.84
N ALA A 155 61.96 21.17 -14.94
CA ALA A 155 62.41 22.56 -14.89
C ALA A 155 61.26 23.56 -14.90
N VAL A 156 60.04 23.12 -15.22
CA VAL A 156 58.88 24.01 -15.25
C VAL A 156 57.93 23.75 -14.09
N VAL A 157 58.19 22.73 -13.26
CA VAL A 157 57.31 22.47 -12.12
C VAL A 157 57.33 23.65 -11.16
N GLN A 158 58.52 24.15 -10.81
CA GLN A 158 58.64 25.23 -9.85
C GLN A 158 57.91 26.48 -10.30
N GLN A 159 57.82 26.71 -11.61
CA GLN A 159 57.14 27.88 -12.14
C GLN A 159 55.65 27.64 -12.39
N LEU A 160 55.18 26.40 -12.28
CA LEU A 160 53.77 26.09 -12.48
C LEU A 160 52.96 26.14 -11.19
N LEU A 161 53.58 26.48 -10.06
CA LEU A 161 52.85 26.59 -8.80
C LEU A 161 51.89 27.77 -8.77
N ALA A 162 51.97 28.68 -9.74
CA ALA A 162 51.10 29.85 -9.74
C ALA A 162 49.62 29.43 -9.77
N ALA A 163 49.32 28.34 -10.49
CA ALA A 163 47.96 27.82 -10.48
C ALA A 163 47.56 27.35 -9.08
N ARG A 164 48.48 26.72 -8.36
CA ARG A 164 48.19 26.29 -6.99
C ARG A 164 48.01 27.48 -6.06
N GLU A 165 48.78 28.55 -6.28
CA GLU A 165 48.67 29.73 -5.42
C GLU A 165 47.33 30.40 -5.59
N VAL A 166 46.88 30.59 -6.84
CA VAL A 166 45.61 31.28 -7.08
C VAL A 166 44.43 30.41 -6.63
N ILE A 167 44.52 29.09 -6.84
CA ILE A 167 43.43 28.21 -6.40
C ILE A 167 43.35 28.18 -4.88
N ALA A 168 44.50 28.27 -4.20
CA ALA A 168 44.49 28.31 -2.74
C ALA A 168 43.90 29.62 -2.23
N TYR A 169 44.23 30.72 -2.89
CA TYR A 169 43.67 32.02 -2.49
C TYR A 169 42.15 32.04 -2.66
N ILE A 170 41.65 31.49 -3.77
CA ILE A 170 40.21 31.42 -3.98
C ILE A 170 39.55 30.52 -2.95
N LEU A 171 40.16 29.36 -2.69
CA LEU A 171 39.59 28.40 -1.75
C LEU A 171 39.72 28.82 -0.30
N GLU A 172 40.50 29.86 -0.02
CA GLU A 172 40.68 30.29 1.37
C GLU A 172 39.37 30.81 1.95
N ARG A 173 39.05 30.33 3.16
CA ARG A 173 37.79 30.69 3.82
C ARG A 173 37.84 32.04 4.51
N ASN A 174 39.03 32.50 4.91
CA ASN A 174 39.14 33.80 5.57
C ASN A 174 38.84 34.94 4.61
N ALA A 175 39.22 34.80 3.34
CA ALA A 175 38.91 35.83 2.36
C ALA A 175 37.40 35.97 2.15
N CYS A 176 36.68 34.84 2.13
CA CYS A 176 35.23 34.82 1.94
C CYS A 176 34.84 35.53 0.64
N LEU A 177 35.61 35.28 -0.42
CA LEU A 177 35.27 35.83 -1.72
C LEU A 177 33.96 35.25 -2.25
N LEU A 178 33.78 33.94 -2.10
CA LEU A 178 32.58 33.24 -2.54
C LEU A 178 32.21 32.22 -1.47
N PRO A 179 30.93 31.83 -1.40
CA PRO A 179 30.55 30.76 -0.48
C PRO A 179 31.30 29.49 -0.80
N ALA A 180 31.71 28.77 0.24
CA ALA A 180 32.46 27.53 0.05
C ALA A 180 31.62 26.44 -0.59
N TYR A 181 30.29 26.53 -0.49
CA TYR A 181 29.43 25.54 -1.13
C TYR A 181 29.56 25.60 -2.64
N PHE A 182 29.69 26.81 -3.20
CA PHE A 182 29.90 26.92 -4.64
C PHE A 182 31.21 26.27 -5.06
N ALA A 183 32.28 26.47 -4.28
CA ALA A 183 33.57 25.91 -4.64
C ALA A 183 33.54 24.38 -4.59
N VAL A 184 32.98 23.81 -3.52
CA VAL A 184 32.94 22.36 -3.41
C VAL A 184 32.01 21.76 -4.46
N THR A 185 30.98 22.51 -4.88
CA THR A 185 30.07 22.02 -5.90
C THR A 185 30.79 21.84 -7.24
N GLU A 186 31.56 22.85 -7.66
CA GLU A 186 32.31 22.74 -8.91
C GLU A 186 33.40 21.69 -8.81
N ILE A 187 34.11 21.62 -7.69
CA ILE A 187 35.15 20.60 -7.52
C ILE A 187 34.54 19.22 -7.60
N ARG A 188 33.40 19.01 -6.94
CA ARG A 188 32.74 17.71 -6.97
C ARG A 188 32.13 17.43 -8.34
N LYS A 189 31.67 18.48 -9.04
CA LYS A 189 31.06 18.29 -10.35
C LYS A 189 32.09 17.83 -11.38
N LEU A 190 33.25 18.48 -11.41
CA LEU A 190 34.28 18.16 -12.39
C LEU A 190 35.22 17.06 -11.91
N TYR A 191 35.22 16.75 -10.62
CA TYR A 191 35.87 15.55 -10.09
C TYR A 191 34.82 14.65 -9.46
N PRO A 192 34.33 13.65 -10.16
CA PRO A 192 33.33 12.74 -9.58
C PRO A 192 33.94 11.85 -8.51
N GLU A 193 33.07 11.12 -7.82
CA GLU A 193 33.51 10.19 -6.78
C GLU A 193 34.39 9.10 -7.38
N GLY A 194 35.58 8.93 -6.81
CA GLY A 194 36.50 7.91 -7.26
C GLY A 194 37.60 8.38 -8.19
N LYS A 195 37.73 9.68 -8.41
CA LYS A 195 38.76 10.22 -9.29
C LYS A 195 39.82 10.92 -8.46
N LEU A 196 41.09 10.59 -8.72
CA LEU A 196 42.18 11.18 -7.96
C LEU A 196 42.41 12.63 -8.39
N PRO A 197 42.85 13.49 -7.47
CA PRO A 197 43.11 14.89 -7.83
C PRO A 197 44.31 15.01 -8.76
N HIS A 198 44.31 16.10 -9.52
CA HIS A 198 45.41 16.38 -10.44
C HIS A 198 46.67 16.69 -9.64
N TRP A 199 47.81 16.16 -10.10
CA TRP A 199 49.04 16.25 -9.32
C TRP A 199 49.47 17.68 -9.07
N LEU A 200 49.20 18.58 -10.02
CA LEU A 200 49.52 19.99 -9.81
C LEU A 200 48.70 20.57 -8.67
N LEU A 201 47.43 20.20 -8.58
CA LEU A 201 46.57 20.70 -7.51
C LEU A 201 47.04 20.18 -6.14
N GLY A 202 47.25 18.87 -6.03
CA GLY A 202 47.77 18.30 -4.80
C GLY A 202 46.73 17.97 -3.75
N ASN A 203 47.14 17.95 -2.49
CA ASN A 203 46.28 17.57 -1.38
C ASN A 203 45.35 18.70 -0.95
N LEU A 204 45.51 19.90 -1.50
CA LEU A 204 44.66 21.03 -1.10
C LEU A 204 43.19 20.76 -1.44
N VAL A 205 42.94 20.25 -2.66
CA VAL A 205 41.58 19.94 -3.06
C VAL A 205 41.00 18.82 -2.20
N SER A 206 41.81 17.79 -1.94
CA SER A 206 41.33 16.67 -1.13
C SER A 206 40.97 17.12 0.28
N ASP A 207 41.79 17.97 0.88
CA ASP A 207 41.49 18.47 2.22
C ASP A 207 40.25 19.36 2.22
N PHE A 208 40.10 20.21 1.20
CA PHE A 208 38.93 21.07 1.14
C PHE A 208 37.65 20.25 1.00
N VAL A 209 37.67 19.21 0.17
CA VAL A 209 36.54 18.30 0.09
C VAL A 209 36.37 17.55 1.42
N ASP A 210 37.48 17.26 2.11
CA ASP A 210 37.42 16.60 3.40
C ASP A 210 36.76 17.49 4.45
N THR A 211 36.75 18.81 4.25
CA THR A 211 36.10 19.69 5.21
C THR A 211 34.59 19.48 5.27
N PHE A 212 33.99 18.96 4.20
CA PHE A 212 32.53 18.89 4.10
C PHE A 212 31.93 17.56 4.54
N ARG A 213 32.72 16.60 5.02
CA ARG A 213 32.11 15.37 5.51
C ARG A 213 31.11 15.61 6.64
N PRO A 214 31.38 16.48 7.64
CA PRO A 214 30.36 16.72 8.68
C PRO A 214 29.02 17.16 8.12
N THR A 215 29.03 18.01 7.08
CA THR A 215 27.77 18.36 6.42
C THR A 215 27.15 17.15 5.76
N ALA A 216 27.97 16.29 5.16
CA ALA A 216 27.45 15.07 4.52
C ALA A 216 26.78 14.16 5.53
N ARG A 217 27.38 14.00 6.72
CA ARG A 217 26.74 13.21 7.77
C ARG A 217 25.47 13.88 8.29
N ILE A 218 25.45 15.21 8.31
CA ILE A 218 24.25 15.92 8.75
C ILE A 218 23.07 15.62 7.83
N ASN A 219 23.32 15.61 6.51
CA ASN A 219 22.28 15.40 5.52
C ASN A 219 22.09 13.94 5.15
N SER A 220 22.42 13.01 6.05
CA SER A 220 22.32 11.59 5.78
C SER A 220 21.50 10.90 6.87
N ILE A 221 20.72 9.91 6.47
CA ILE A 221 19.91 9.11 7.39
C ILE A 221 20.77 7.96 7.91
N CYS A 222 20.78 7.78 9.24
CA CYS A 222 21.60 6.74 9.84
C CYS A 222 21.03 5.36 9.54
N GLY A 223 21.88 4.46 9.07
CA GLY A 223 21.48 3.10 8.78
C GLY A 223 20.41 2.99 7.71
N ARG A 224 20.52 3.80 6.64
CA ARG A 224 19.50 3.82 5.62
C ARG A 224 19.46 2.52 4.82
N CYS A 225 20.64 1.92 4.57
CA CYS A 225 20.71 0.75 3.71
C CYS A 225 20.11 -0.50 4.36
N SER A 226 19.88 -0.49 5.67
CA SER A 226 19.35 -1.63 6.39
C SER A 226 17.88 -1.46 6.78
N LEU A 227 17.22 -0.42 6.28
CA LEU A 227 15.81 -0.19 6.55
C LEU A 227 14.98 -0.80 5.43
N LEU A 228 13.99 -1.61 5.82
CA LEU A 228 13.17 -2.31 4.84
C LEU A 228 11.69 -2.02 5.10
N PRO A 229 10.89 -1.91 4.04
CA PRO A 229 9.47 -1.62 4.22
C PRO A 229 8.60 -2.89 4.28
N VAL A 230 7.31 -2.71 4.53
CA VAL A 230 6.33 -3.78 4.44
C VAL A 230 5.55 -3.56 3.16
N VAL A 231 5.66 -4.50 2.22
CA VAL A 231 5.03 -4.35 0.92
C VAL A 231 3.52 -4.41 1.09
N ASN A 232 2.83 -3.37 0.62
CA ASN A 232 1.37 -3.31 0.71
C ASN A 232 0.75 -3.18 -0.67
N ASN A 239 7.81 7.61 -1.85
CA ASN A 239 8.99 8.21 -2.45
C ASN A 239 10.24 7.92 -1.64
N SER A 240 10.06 7.25 -0.50
CA SER A 240 11.19 6.92 0.36
C SER A 240 12.04 5.80 -0.21
N TRP A 241 11.49 4.95 -1.06
CA TRP A 241 12.18 3.77 -1.54
C TRP A 241 12.47 3.84 -3.05
N LYS A 242 12.46 5.04 -3.62
CA LYS A 242 12.75 5.19 -5.04
C LYS A 242 14.23 4.96 -5.32
N LEU A 243 14.51 4.40 -6.49
CA LEU A 243 15.87 4.06 -6.90
C LEU A 243 16.12 4.51 -8.34
N ASP A 244 17.38 4.73 -8.65
CA ASP A 244 17.77 5.11 -10.01
C ASP A 244 17.66 3.89 -10.92
N PRO A 245 16.88 3.96 -12.00
CA PRO A 245 16.74 2.79 -12.88
C PRO A 245 18.06 2.31 -13.48
N ALA A 246 19.00 3.21 -13.74
CA ALA A 246 20.21 2.84 -14.46
C ALA A 246 21.27 2.24 -13.54
N THR A 247 21.38 2.75 -12.31
CA THR A 247 22.47 2.37 -11.42
C THR A 247 22.00 1.80 -10.08
N LEU A 248 20.69 1.67 -9.85
CA LEU A 248 20.15 1.10 -8.62
C LEU A 248 20.65 1.87 -7.39
N ARG A 249 20.68 3.19 -7.51
CA ARG A 249 21.24 4.07 -6.50
C ARG A 249 20.20 5.04 -5.96
N PHE A 250 20.31 5.35 -4.67
CA PHE A 250 19.41 6.30 -4.05
C PHE A 250 19.62 7.69 -4.66
N PRO A 251 18.55 8.42 -4.96
CA PRO A 251 18.72 9.79 -5.48
C PRO A 251 19.18 10.75 -4.40
N LEU A 252 20.45 11.16 -4.46
CA LEU A 252 21.03 12.05 -3.46
C LEU A 252 20.99 13.49 -3.96
N LYS A 253 20.78 14.42 -3.04
CA LYS A 253 20.69 15.84 -3.35
C LYS A 253 22.03 16.51 -3.13
N GLY A 254 22.48 17.26 -4.14
CA GLY A 254 23.73 17.99 -4.06
C GLY A 254 24.93 17.11 -4.37
N LEU A 255 26.09 17.76 -4.42
CA LEU A 255 27.36 17.09 -4.68
C LEU A 255 28.21 17.22 -3.41
N LEU A 256 28.00 16.28 -2.50
CA LEU A 256 28.70 16.25 -1.22
C LEU A 256 29.35 14.89 -1.01
N PRO A 257 30.44 14.84 -0.26
CA PRO A 257 31.14 13.57 -0.01
C PRO A 257 30.42 12.69 1.00
N TYR A 258 29.40 11.99 0.53
CA TYR A 258 28.60 11.13 1.40
C TYR A 258 29.41 9.88 1.75
N ASP A 259 28.80 9.02 2.58
CA ASP A 259 29.44 7.78 2.96
C ASP A 259 29.57 6.85 1.75
N LYS A 260 30.56 5.96 1.81
CA LYS A 260 30.81 5.06 0.70
C LYS A 260 29.66 4.09 0.46
N ASP A 261 28.88 3.79 1.51
CA ASP A 261 27.79 2.82 1.39
C ASP A 261 26.64 3.34 0.54
N LEU A 262 26.54 4.66 0.34
CA LEU A 262 25.46 5.25 -0.43
C LEU A 262 25.77 5.33 -1.92
N PHE A 263 26.98 4.94 -2.34
CA PHE A 263 27.39 5.04 -3.73
C PHE A 263 27.27 3.70 -4.46
N GLU A 264 26.81 2.61 -3.76
CA GLU A 264 26.65 1.24 -4.21
C GLU A 264 25.18 0.90 -4.43
N PRO A 265 24.89 -0.05 -5.33
CA PRO A 265 23.49 -0.42 -5.58
C PRO A 265 22.83 -1.06 -4.37
N GLN A 266 21.51 -0.87 -4.29
CA GLN A 266 20.71 -1.45 -3.21
C GLN A 266 20.15 -2.80 -3.62
N THR A 267 21.07 -3.76 -3.81
CA THR A 267 20.69 -5.10 -4.23
C THR A 267 19.85 -5.80 -3.17
N ALA A 268 20.19 -5.62 -1.90
CA ALA A 268 19.45 -6.27 -0.83
C ALA A 268 18.01 -5.77 -0.77
N LEU A 269 17.80 -4.45 -0.94
CA LEU A 269 16.46 -3.90 -0.92
C LEU A 269 15.63 -4.41 -2.09
N LEU A 270 16.21 -4.40 -3.29
CA LEU A 270 15.48 -4.85 -4.47
C LEU A 270 15.16 -6.33 -4.39
N ARG A 271 16.10 -7.14 -3.89
CA ARG A 271 15.84 -8.58 -3.74
C ARG A 271 14.73 -8.84 -2.73
N TYR A 272 14.73 -8.10 -1.62
CA TYR A 272 13.68 -8.28 -0.61
C TYR A 272 12.31 -7.93 -1.16
N VAL A 273 12.22 -6.83 -1.92
CA VAL A 273 10.93 -6.45 -2.51
C VAL A 273 10.48 -7.48 -3.53
N LEU A 274 11.40 -7.96 -4.37
CA LEU A 274 11.04 -8.92 -5.41
C LEU A 274 10.55 -10.23 -4.80
N GLU A 275 11.19 -10.70 -3.74
CA GLU A 275 10.83 -11.99 -3.15
C GLU A 275 9.42 -11.98 -2.58
N GLN A 276 8.97 -10.85 -2.05
CA GLN A 276 7.66 -10.80 -1.42
C GLN A 276 6.55 -10.91 -2.47
N PRO A 277 5.46 -11.61 -2.17
CA PRO A 277 4.34 -11.69 -3.12
C PRO A 277 3.64 -10.34 -3.26
N TYR A 278 2.98 -10.18 -4.42
CA TYR A 278 2.17 -8.99 -4.72
C TYR A 278 3.00 -7.72 -4.62
N SER A 279 4.24 -7.77 -5.13
CA SER A 279 5.13 -6.62 -5.15
C SER A 279 5.34 -6.08 -6.56
N ARG A 280 4.46 -6.45 -7.49
CA ARG A 280 4.62 -6.02 -8.88
C ARG A 280 4.55 -4.51 -9.01
N ASP A 281 3.49 -3.90 -8.45
CA ASP A 281 3.32 -2.46 -8.56
C ASP A 281 4.40 -1.71 -7.80
N MET A 282 4.81 -2.22 -6.62
CA MET A 282 5.83 -1.55 -5.85
C MET A 282 7.17 -1.55 -6.58
N VAL A 283 7.52 -2.67 -7.23
CA VAL A 283 8.76 -2.74 -8.00
C VAL A 283 8.72 -1.73 -9.15
N CYS A 284 7.58 -1.64 -9.83
CA CYS A 284 7.45 -0.69 -10.93
C CYS A 284 7.61 0.75 -10.44
N ASN A 285 7.01 1.08 -9.29
CA ASN A 285 7.15 2.42 -8.75
C ASN A 285 8.58 2.72 -8.32
N MET A 286 9.25 1.74 -7.69
CA MET A 286 10.61 1.94 -7.23
C MET A 286 11.57 2.17 -8.40
N LEU A 287 11.43 1.39 -9.47
CA LEU A 287 12.32 1.49 -10.62
C LEU A 287 11.84 2.49 -11.66
N GLY A 288 10.70 3.13 -11.45
CA GLY A 288 10.23 4.14 -12.38
C GLY A 288 9.71 3.62 -13.70
N LEU A 289 9.30 2.36 -13.75
CA LEU A 289 8.74 1.80 -14.98
C LEU A 289 7.33 2.33 -15.19
N ASN A 290 7.14 3.11 -16.26
CA ASN A 290 5.89 3.80 -16.51
C ASN A 290 4.93 3.00 -17.39
N LYS A 291 5.30 1.79 -17.80
CA LYS A 291 4.43 0.92 -18.60
C LYS A 291 4.02 1.59 -19.90
N GLN A 292 4.94 2.34 -20.50
CA GLN A 292 4.68 3.06 -21.74
C GLN A 292 5.28 2.39 -22.96
N HIS A 293 6.45 1.76 -22.83
CA HIS A 293 7.12 1.14 -23.95
C HIS A 293 8.02 0.03 -23.42
N LYS A 294 8.78 -0.58 -24.32
CA LYS A 294 9.71 -1.64 -23.95
C LYS A 294 10.93 -1.05 -23.24
N GLN A 295 10.88 -0.99 -21.91
CA GLN A 295 11.99 -0.40 -21.16
C GLN A 295 13.26 -1.23 -21.31
N ARG A 296 13.15 -2.55 -21.24
CA ARG A 296 14.29 -3.47 -21.31
C ARG A 296 15.33 -3.09 -20.24
N CYS A 297 14.89 -3.28 -18.99
CA CYS A 297 15.66 -2.87 -17.83
C CYS A 297 16.72 -3.92 -17.51
N PRO A 298 18.00 -3.63 -17.79
CA PRO A 298 19.04 -4.67 -17.61
C PRO A 298 19.25 -5.04 -16.15
N VAL A 299 19.18 -4.07 -15.23
CA VAL A 299 19.41 -4.39 -13.82
C VAL A 299 18.28 -5.27 -13.29
N LEU A 300 17.04 -5.00 -13.70
CA LEU A 300 15.93 -5.85 -13.27
C LEU A 300 16.09 -7.27 -13.80
N GLU A 301 16.53 -7.42 -15.05
CA GLU A 301 16.75 -8.75 -15.60
C GLU A 301 17.84 -9.48 -14.83
N ASP A 302 18.94 -8.80 -14.52
CA ASP A 302 20.03 -9.42 -13.78
C ASP A 302 19.58 -9.84 -12.38
N GLN A 303 18.76 -9.01 -11.73
CA GLN A 303 18.26 -9.36 -10.39
C GLN A 303 17.38 -10.59 -10.44
N LEU A 304 16.51 -10.69 -11.46
CA LEU A 304 15.65 -11.85 -11.59
C LEU A 304 16.47 -13.11 -11.87
N VAL A 305 17.52 -12.99 -12.69
CA VAL A 305 18.39 -14.14 -12.96
C VAL A 305 19.10 -14.57 -11.69
N ASP A 306 19.61 -13.61 -10.91
CA ASP A 306 20.26 -13.95 -9.65
C ASP A 306 19.28 -14.56 -8.66
N LEU A 307 18.03 -14.10 -8.67
CA LEU A 307 17.00 -14.69 -7.81
C LEU A 307 16.75 -16.14 -8.19
N VAL A 308 16.73 -16.44 -9.50
CA VAL A 308 16.58 -17.82 -9.95
C VAL A 308 17.77 -18.66 -9.51
N VAL A 309 18.98 -18.12 -9.62
CA VAL A 309 20.18 -18.84 -9.19
C VAL A 309 20.12 -19.11 -7.70
N TYR A 310 19.71 -18.11 -6.91
CA TYR A 310 19.63 -18.29 -5.46
C TYR A 310 18.55 -19.28 -5.07
N ALA A 311 17.46 -19.33 -5.84
CA ALA A 311 16.42 -20.32 -5.58
C ALA A 311 16.94 -21.74 -5.82
N MET A 312 17.70 -21.94 -6.89
CA MET A 312 18.31 -23.25 -7.13
C MET A 312 19.34 -23.57 -6.06
N GLU A 313 20.04 -22.55 -5.55
CA GLU A 313 20.99 -22.78 -4.46
C GLU A 313 20.28 -23.29 -3.21
N ARG A 314 19.13 -22.70 -2.88
CA ARG A 314 18.34 -23.22 -1.76
C ARG A 314 17.79 -24.61 -2.07
N SER A 315 17.44 -24.87 -3.33
CA SER A 315 16.97 -26.20 -3.70
C SER A 315 18.05 -27.25 -3.44
N GLU A 316 19.30 -26.92 -3.74
CA GLU A 316 20.42 -27.81 -3.39
C GLU A 316 20.56 -27.85 -1.88
N THR A 317 20.23 -28.98 -1.28
CA THR A 317 20.31 -29.17 0.17
C THR A 317 19.52 -28.12 0.93
N SER A 327 10.86 -24.38 -0.34
CA SER A 327 11.39 -23.97 -1.63
C SER A 327 10.31 -24.00 -2.71
N GLN A 328 9.28 -24.82 -2.49
CA GLN A 328 8.17 -24.89 -3.44
C GLN A 328 7.43 -23.57 -3.54
N LEU A 329 7.22 -22.91 -2.39
CA LEU A 329 6.56 -21.60 -2.42
C LEU A 329 7.40 -20.57 -3.17
N LEU A 330 8.72 -20.59 -2.96
CA LEU A 330 9.60 -19.67 -3.69
C LEU A 330 9.58 -19.95 -5.18
N TRP A 331 9.58 -21.24 -5.57
CA TRP A 331 9.51 -21.58 -6.99
C TRP A 331 8.19 -21.14 -7.59
N GLN A 332 7.08 -21.34 -6.87
CA GLN A 332 5.79 -20.87 -7.35
C GLN A 332 5.77 -19.35 -7.47
N HIS A 333 6.37 -18.65 -6.51
CA HIS A 333 6.42 -17.20 -6.57
C HIS A 333 7.23 -16.73 -7.78
N LEU A 334 8.37 -17.37 -8.04
CA LEU A 334 9.18 -17.01 -9.19
C LEU A 334 8.42 -17.24 -10.50
N SER A 335 7.86 -18.44 -10.67
CA SER A 335 7.07 -18.72 -11.86
C SER A 335 5.91 -17.74 -12.00
N SER A 336 5.33 -17.33 -10.86
CA SER A 336 4.22 -16.40 -10.88
C SER A 336 4.65 -14.96 -11.12
N GLN A 337 5.88 -14.60 -10.78
CA GLN A 337 6.32 -13.20 -10.79
C GLN A 337 7.01 -12.82 -12.09
N LEU A 338 8.06 -13.56 -12.48
CA LEU A 338 8.87 -13.17 -13.62
C LEU A 338 8.19 -13.44 -14.96
N ILE A 339 6.95 -13.92 -14.97
CA ILE A 339 6.18 -13.97 -16.21
C ILE A 339 5.79 -12.57 -16.66
N PHE A 340 5.36 -11.74 -15.71
CA PHE A 340 4.86 -10.40 -16.06
C PHE A 340 5.93 -9.54 -16.70
N PHE A 341 7.15 -9.57 -16.14
CA PHE A 341 8.21 -8.70 -16.63
C PHE A 341 8.64 -9.07 -18.04
N VAL A 342 8.68 -10.37 -18.34
CA VAL A 342 9.01 -10.80 -19.69
C VAL A 342 7.89 -10.46 -20.66
N LEU A 343 6.63 -10.61 -20.21
CA LEU A 343 5.49 -10.38 -21.10
C LEU A 343 5.33 -8.90 -21.44
N PHE A 344 5.67 -8.01 -20.50
CA PHE A 344 5.58 -6.58 -20.72
C PHE A 344 6.87 -5.98 -21.27
N GLN A 345 7.74 -6.80 -21.88
CA GLN A 345 8.95 -6.36 -22.55
C GLN A 345 9.92 -5.65 -21.63
N PHE A 346 9.77 -5.81 -20.31
CA PHE A 346 10.75 -5.26 -19.39
C PHE A 346 12.03 -6.09 -19.36
N ALA A 347 11.98 -7.34 -19.80
CA ALA A 347 13.16 -8.18 -19.89
C ALA A 347 13.00 -9.12 -21.07
N SER A 348 14.12 -9.61 -21.57
CA SER A 348 14.14 -10.46 -22.75
C SER A 348 14.38 -11.91 -22.34
N PHE A 349 13.53 -12.82 -22.82
CA PHE A 349 13.68 -14.23 -22.51
C PHE A 349 15.00 -14.82 -23.04
N PRO A 350 15.39 -14.63 -24.30
CA PRO A 350 16.68 -15.18 -24.74
C PRO A 350 17.87 -14.66 -23.95
N HIS A 351 17.87 -13.37 -23.61
CA HIS A 351 18.96 -12.82 -22.81
C HIS A 351 18.96 -13.40 -21.41
N MET A 352 17.77 -13.61 -20.84
CA MET A 352 17.67 -14.24 -19.53
C MET A 352 18.24 -15.66 -19.55
N VAL A 353 17.89 -16.43 -20.59
CA VAL A 353 18.33 -17.82 -20.66
C VAL A 353 19.84 -17.91 -20.83
N LEU A 354 20.41 -17.08 -21.71
CA LEU A 354 21.86 -17.10 -21.92
C LEU A 354 22.60 -16.70 -20.66
N SER A 355 22.13 -15.65 -19.97
CA SER A 355 22.78 -15.22 -18.73
C SER A 355 22.65 -16.28 -17.65
N LEU A 356 21.48 -16.91 -17.54
CA LEU A 356 21.29 -17.98 -16.56
C LEU A 356 22.19 -19.17 -16.87
N HIS A 357 22.32 -19.51 -18.15
CA HIS A 357 23.21 -20.62 -18.54
C HIS A 357 24.66 -20.31 -18.20
N GLN A 358 25.10 -19.08 -18.47
CA GLN A 358 26.47 -18.71 -18.18
C GLN A 358 26.76 -18.71 -16.68
N LYS A 359 25.81 -18.21 -15.88
CA LYS A 359 26.02 -18.14 -14.43
C LYS A 359 26.03 -19.54 -13.81
N LEU A 360 25.10 -20.40 -14.22
CA LEU A 360 25.00 -21.74 -13.65
C LEU A 360 26.08 -22.69 -14.16
N ALA A 361 26.78 -22.33 -15.23
CA ALA A 361 27.81 -23.20 -15.79
C ALA A 361 28.99 -23.33 -14.83
N GLY A 362 29.48 -24.56 -14.67
CA GLY A 362 30.66 -24.82 -13.88
C GLY A 362 30.44 -24.94 -12.40
N ARG A 363 29.21 -24.79 -11.90
CA ARG A 363 28.93 -24.89 -10.48
C ARG A 363 28.31 -26.22 -10.08
N GLY A 364 27.56 -26.84 -10.98
CA GLY A 364 26.92 -28.12 -10.64
C GLY A 364 25.80 -27.91 -9.65
N LEU A 365 25.66 -28.86 -8.73
CA LEU A 365 24.64 -28.83 -7.69
C LEU A 365 23.25 -28.72 -8.32
N ILE A 366 22.92 -29.71 -9.13
CA ILE A 366 21.75 -29.67 -10.00
C ILE A 366 20.65 -30.55 -9.38
N LYS A 367 19.80 -29.90 -8.58
CA LYS A 367 18.64 -30.57 -7.99
C LYS A 367 17.32 -29.84 -8.24
N GLY A 368 17.33 -28.56 -8.56
CA GLY A 368 16.11 -27.84 -8.87
C GLY A 368 15.86 -27.78 -10.36
N ARG A 369 16.36 -28.78 -11.08
CA ARG A 369 16.24 -28.78 -12.54
C ARG A 369 14.79 -28.88 -12.98
N ASP A 370 13.99 -29.71 -12.31
CA ASP A 370 12.59 -29.87 -12.69
C ASP A 370 11.82 -28.57 -12.50
N HIS A 371 12.08 -27.86 -11.40
CA HIS A 371 11.38 -26.61 -11.14
C HIS A 371 11.79 -25.53 -12.11
N LEU A 372 13.09 -25.47 -12.46
CA LEU A 372 13.54 -24.48 -13.44
C LEU A 372 12.90 -24.73 -14.80
N MET A 373 12.83 -26.00 -15.22
CA MET A 373 12.19 -26.33 -16.49
C MET A 373 10.70 -26.01 -16.45
N TRP A 374 10.06 -26.19 -15.29
CA TRP A 374 8.67 -25.81 -15.15
C TRP A 374 8.49 -24.30 -15.32
N VAL A 375 9.42 -23.51 -14.78
CA VAL A 375 9.36 -22.06 -14.93
C VAL A 375 9.51 -21.67 -16.40
N LEU A 376 10.45 -22.30 -17.09
CA LEU A 376 10.69 -21.95 -18.49
C LEU A 376 9.52 -22.38 -19.38
N LEU A 377 8.87 -23.50 -19.05
CA LEU A 377 7.80 -24.01 -19.90
C LEU A 377 6.65 -23.00 -20.01
N GLN A 378 6.45 -22.18 -18.98
CA GLN A 378 5.36 -21.21 -19.01
C GLN A 378 5.50 -20.27 -20.20
N PHE A 379 6.72 -19.78 -20.44
CA PHE A 379 6.96 -18.95 -21.62
C PHE A 379 6.95 -19.77 -22.89
N ILE A 380 7.52 -20.99 -22.84
CA ILE A 380 7.60 -21.83 -24.03
C ILE A 380 6.21 -22.14 -24.57
N SER A 381 5.22 -22.28 -23.68
CA SER A 381 3.86 -22.56 -24.10
C SER A 381 3.07 -21.29 -24.39
N GLY A 382 3.30 -20.21 -23.64
CA GLY A 382 2.50 -19.02 -23.74
C GLY A 382 2.94 -17.98 -24.75
N SER A 383 4.16 -18.10 -25.30
CA SER A 383 4.65 -17.09 -26.21
C SER A 383 5.32 -17.68 -27.45
N ILE A 384 5.17 -18.98 -27.71
CA ILE A 384 5.82 -19.59 -28.87
C ILE A 384 5.17 -19.09 -30.16
N GLN A 385 3.86 -18.87 -30.16
CA GLN A 385 3.17 -18.47 -31.38
C GLN A 385 3.54 -17.05 -31.79
N LYS A 386 3.69 -16.15 -30.83
CA LYS A 386 3.91 -14.73 -31.10
C LYS A 386 5.38 -14.35 -31.13
N ASN A 387 6.29 -15.32 -31.05
CA ASN A 387 7.72 -15.05 -31.08
C ASN A 387 8.42 -16.01 -32.04
N ALA A 388 9.54 -15.55 -32.57
CA ALA A 388 10.30 -16.36 -33.51
C ALA A 388 10.98 -17.53 -32.79
N LEU A 389 11.27 -18.58 -33.56
CA LEU A 389 11.89 -19.77 -33.01
C LEU A 389 13.33 -19.53 -32.57
N ALA A 390 13.99 -18.52 -33.15
CA ALA A 390 15.39 -18.27 -32.83
C ALA A 390 15.59 -17.82 -31.38
N ASP A 391 14.53 -17.33 -30.72
CA ASP A 391 14.66 -16.84 -29.36
C ASP A 391 14.60 -17.95 -28.31
N PHE A 392 14.17 -19.15 -28.68
CA PHE A 392 13.99 -20.24 -27.72
C PHE A 392 15.02 -21.36 -27.92
N LEU A 393 15.97 -21.18 -28.82
CA LEU A 393 17.01 -22.19 -29.02
C LEU A 393 17.89 -22.45 -27.80
N PRO A 394 18.38 -21.44 -27.07
CA PRO A 394 19.30 -21.73 -25.95
C PRO A 394 18.73 -22.62 -24.86
N VAL A 395 17.41 -22.88 -24.87
CA VAL A 395 16.84 -23.82 -23.90
C VAL A 395 17.45 -25.21 -24.08
N MET A 396 17.77 -25.57 -25.33
CA MET A 396 18.42 -26.86 -25.58
C MET A 396 19.79 -26.91 -24.92
N LYS A 397 20.55 -25.81 -25.00
CA LYS A 397 21.84 -25.76 -24.31
C LYS A 397 21.66 -25.86 -22.79
N LEU A 398 20.60 -25.23 -22.26
CA LEU A 398 20.34 -25.33 -20.83
C LEU A 398 20.04 -26.77 -20.43
N PHE A 399 19.29 -27.49 -21.27
CA PHE A 399 19.08 -28.92 -21.02
C PHE A 399 20.39 -29.70 -21.03
N ASP A 400 21.27 -29.40 -22.00
CA ASP A 400 22.52 -30.15 -22.12
C ASP A 400 23.37 -29.99 -20.87
N LEU A 401 23.42 -28.78 -20.30
CA LEU A 401 24.15 -28.56 -19.06
C LEU A 401 23.41 -29.15 -17.87
N LEU A 402 22.08 -29.02 -17.85
CA LEU A 402 21.33 -29.26 -16.63
C LEU A 402 20.97 -30.74 -16.44
N TYR A 403 20.83 -31.50 -17.54
CA TYR A 403 20.56 -32.92 -17.45
C TYR A 403 21.74 -33.72 -18.00
N PRO A 404 22.62 -34.23 -17.14
CA PRO A 404 23.72 -35.07 -17.60
C PRO A 404 23.27 -36.45 -18.02
N GLU A 405 24.24 -37.35 -18.23
CA GLU A 405 24.08 -38.79 -18.44
C GLU A 405 23.25 -39.15 -19.66
N LYS A 406 23.37 -40.41 -20.10
CA LYS A 406 22.72 -40.89 -21.31
C LYS A 406 21.72 -42.01 -21.06
N GLU A 407 21.63 -42.52 -19.83
CA GLU A 407 20.66 -43.56 -19.53
C GLU A 407 19.24 -43.02 -19.66
N TYR A 408 18.31 -43.92 -19.96
CA TYR A 408 16.91 -43.53 -20.15
C TYR A 408 16.30 -43.12 -18.81
N ILE A 409 15.76 -41.90 -18.76
CA ILE A 409 15.17 -41.40 -17.51
C ILE A 409 13.93 -42.22 -17.18
N PRO A 410 13.79 -42.72 -15.96
CA PRO A 410 12.59 -43.48 -15.61
C PRO A 410 11.35 -42.60 -15.57
N VAL A 411 10.20 -43.22 -15.82
CA VAL A 411 8.92 -42.51 -15.78
C VAL A 411 8.51 -42.29 -14.33
N PRO A 412 8.31 -41.04 -13.90
CA PRO A 412 7.92 -40.79 -12.51
C PRO A 412 6.50 -41.28 -12.23
N ASP A 413 6.14 -41.21 -10.95
CA ASP A 413 4.81 -41.60 -10.52
C ASP A 413 3.80 -40.52 -10.92
N ILE A 414 2.72 -40.95 -11.59
CA ILE A 414 1.73 -40.00 -12.10
C ILE A 414 0.71 -39.57 -11.07
N ASN A 415 0.73 -40.16 -9.88
CA ASN A 415 -0.25 -39.82 -8.85
C ASN A 415 0.13 -38.58 -8.04
N LYS A 416 1.34 -38.05 -8.23
CA LYS A 416 1.79 -36.88 -7.49
C LYS A 416 1.83 -35.66 -8.40
N PRO A 417 1.61 -34.46 -7.86
CA PRO A 417 1.68 -33.25 -8.68
C PRO A 417 3.05 -33.01 -9.31
N GLN A 418 4.12 -33.56 -8.72
CA GLN A 418 5.46 -33.37 -9.27
C GLN A 418 5.66 -34.10 -10.59
N SER A 419 4.73 -34.98 -10.98
CA SER A 419 4.82 -35.62 -12.29
C SER A 419 4.74 -34.59 -13.41
N THR A 420 3.92 -33.56 -13.23
CA THR A 420 3.87 -32.47 -14.20
C THR A 420 5.20 -31.75 -14.30
N HIS A 421 5.87 -31.55 -13.16
CA HIS A 421 7.18 -30.89 -13.16
C HIS A 421 8.24 -31.74 -13.86
N ALA A 422 8.17 -33.06 -13.72
CA ALA A 422 9.18 -33.93 -14.30
C ALA A 422 9.03 -34.11 -15.80
N PHE A 423 7.87 -33.78 -16.36
CA PHE A 423 7.64 -33.88 -17.79
C PHE A 423 7.77 -32.53 -18.49
N ALA A 424 8.28 -31.51 -17.79
CA ALA A 424 8.30 -30.17 -18.34
C ALA A 424 9.20 -30.07 -19.57
N MET A 425 10.38 -30.68 -19.52
CA MET A 425 11.30 -30.57 -20.64
C MET A 425 10.75 -31.27 -21.89
N THR A 426 10.08 -32.41 -21.69
CA THR A 426 9.46 -33.10 -22.81
C THR A 426 8.38 -32.24 -23.46
N CYS A 427 7.58 -31.56 -22.65
CA CYS A 427 6.55 -30.67 -23.19
C CYS A 427 7.18 -29.50 -23.94
N ILE A 428 8.31 -29.00 -23.45
CA ILE A 428 9.02 -27.92 -24.15
C ILE A 428 9.47 -28.40 -25.52
N TRP A 429 10.00 -29.62 -25.61
CA TRP A 429 10.43 -30.16 -26.91
C TRP A 429 9.26 -30.29 -27.87
N ILE A 430 8.11 -30.76 -27.37
CA ILE A 430 6.94 -30.92 -28.23
C ILE A 430 6.50 -29.57 -28.79
N HIS A 431 6.47 -28.54 -27.94
CA HIS A 431 6.12 -27.20 -28.42
C HIS A 431 7.14 -26.67 -29.43
N LEU A 432 8.43 -26.88 -29.16
CA LEU A 432 9.47 -26.41 -30.08
C LEU A 432 9.39 -27.16 -31.41
N ASN A 433 9.18 -28.48 -31.37
CA ASN A 433 9.07 -29.24 -32.61
C ASN A 433 7.85 -28.80 -33.42
N ARG A 434 6.73 -28.56 -32.76
CA ARG A 434 5.53 -28.11 -33.47
C ARG A 434 5.75 -26.74 -34.09
N LYS A 435 6.43 -25.84 -33.36
CA LYS A 435 6.78 -24.55 -33.94
C LYS A 435 7.74 -24.71 -35.10
N ALA A 436 8.62 -25.71 -35.04
CA ALA A 436 9.50 -26.00 -36.18
C ALA A 436 8.73 -26.57 -37.35
N GLN A 437 7.71 -27.39 -37.09
CA GLN A 437 6.89 -27.92 -38.17
C GLN A 437 6.19 -26.79 -38.93
N ASN A 438 5.65 -25.82 -38.21
CA ASN A 438 5.20 -24.59 -38.84
C ASN A 438 6.41 -23.86 -39.41
N ASP A 439 6.29 -23.38 -40.64
CA ASP A 439 7.43 -22.82 -41.38
C ASP A 439 8.57 -23.85 -41.40
N ASN A 440 8.29 -24.95 -42.09
CA ASN A 440 9.12 -26.15 -42.02
C ASN A 440 10.48 -25.90 -42.68
N SER A 441 11.29 -26.97 -42.70
CA SER A 441 12.65 -26.97 -43.25
C SER A 441 13.56 -26.08 -42.42
N LYS A 442 14.68 -25.65 -43.04
CA LYS A 442 15.69 -24.82 -42.39
C LYS A 442 16.36 -25.56 -41.25
N LEU A 443 15.63 -25.75 -40.14
CA LEU A 443 16.19 -26.41 -38.96
C LEU A 443 15.20 -27.43 -38.43
N GLN A 444 15.74 -28.50 -37.86
CA GLN A 444 14.94 -29.54 -37.21
C GLN A 444 15.56 -29.88 -35.86
N ILE A 445 14.71 -30.07 -34.87
CA ILE A 445 15.13 -30.36 -33.50
C ILE A 445 14.88 -31.83 -33.23
N PRO A 446 15.91 -32.66 -33.10
CA PRO A 446 15.70 -34.09 -32.84
C PRO A 446 15.43 -34.35 -31.37
N ILE A 447 14.93 -35.55 -31.10
CA ILE A 447 14.66 -35.96 -29.72
C ILE A 447 15.98 -36.18 -28.99
N PRO A 448 16.10 -35.77 -27.73
CA PRO A 448 17.22 -36.26 -26.91
C PRO A 448 17.09 -37.75 -26.68
N HIS A 449 18.24 -38.41 -26.55
CA HIS A 449 18.26 -39.86 -26.43
C HIS A 449 17.69 -40.36 -25.10
N SER A 450 17.45 -39.47 -24.14
CA SER A 450 17.02 -39.86 -22.80
C SER A 450 15.57 -39.48 -22.51
N LEU A 451 14.78 -39.20 -23.55
CA LEU A 451 13.37 -38.84 -23.38
C LEU A 451 12.45 -39.80 -24.11
N ARG A 452 12.92 -41.01 -24.43
CA ARG A 452 12.09 -41.95 -25.18
C ARG A 452 10.88 -42.40 -24.37
N LEU A 453 11.08 -42.72 -23.09
CA LEU A 453 9.95 -43.12 -22.25
C LEU A 453 8.95 -41.99 -22.09
N HIS A 454 9.43 -40.76 -21.91
CA HIS A 454 8.53 -39.63 -21.73
C HIS A 454 7.72 -39.36 -22.98
N HIS A 455 8.31 -39.58 -24.16
CA HIS A 455 7.56 -39.39 -25.41
C HIS A 455 6.57 -40.53 -25.63
N GLU A 456 6.98 -41.78 -25.37
CA GLU A 456 6.10 -42.92 -25.60
C GLU A 456 4.93 -42.93 -24.63
N PHE A 457 5.18 -42.57 -23.38
CA PHE A 457 4.10 -42.51 -22.39
C PHE A 457 3.05 -41.47 -22.77
N LEU A 458 3.50 -40.30 -23.25
CA LEU A 458 2.56 -39.26 -23.67
C LEU A 458 1.74 -39.69 -24.87
N GLN A 459 2.40 -40.32 -25.86
CA GLN A 459 1.67 -40.78 -27.04
C GLN A 459 0.69 -41.88 -26.70
N GLN A 460 1.09 -42.82 -25.83
CA GLN A 460 0.18 -43.90 -25.44
C GLN A 460 -1.01 -43.36 -24.68
N SER A 461 -0.79 -42.38 -23.79
CA SER A 461 -1.89 -41.74 -23.08
C SER A 461 -2.80 -41.01 -24.05
N LEU A 462 -2.24 -40.36 -25.07
CA LEU A 462 -3.05 -39.69 -26.07
C LEU A 462 -3.91 -40.68 -26.84
N ARG A 463 -3.33 -41.83 -27.20
CA ARG A 463 -4.07 -42.84 -27.94
C ARG A 463 -5.21 -43.44 -27.12
N ASN A 464 -5.16 -43.34 -25.79
CA ASN A 464 -6.23 -43.86 -24.96
C ASN A 464 -7.48 -43.01 -25.13
N LYS A 465 -8.60 -43.68 -25.45
CA LYS A 465 -9.86 -42.96 -25.66
C LYS A 465 -10.50 -42.53 -24.35
N SER A 466 -10.33 -43.32 -23.29
CA SER A 466 -10.93 -43.04 -22.00
C SER A 466 -9.87 -42.53 -21.04
N LEU A 467 -10.15 -41.41 -20.39
CA LEU A 467 -9.25 -40.80 -19.42
C LEU A 467 -9.98 -40.61 -18.10
N GLN A 468 -9.35 -41.04 -17.01
CA GLN A 468 -9.92 -40.88 -15.68
C GLN A 468 -9.45 -39.59 -15.05
N MET A 469 -10.16 -39.17 -14.00
CA MET A 469 -9.84 -37.95 -13.27
C MET A 469 -9.16 -38.22 -11.94
N ASN A 470 -8.77 -39.46 -11.67
CA ASN A 470 -8.09 -39.81 -10.43
C ASN A 470 -6.58 -39.59 -10.49
N ASP A 471 -6.04 -39.26 -11.66
CA ASP A 471 -4.61 -39.04 -11.81
C ASP A 471 -4.32 -37.72 -12.49
N TYR A 472 -3.06 -37.45 -12.79
CA TYR A 472 -2.63 -36.22 -13.44
C TYR A 472 -2.29 -36.44 -14.90
N LYS A 473 -2.75 -37.54 -15.49
CA LYS A 473 -2.48 -37.82 -16.90
C LYS A 473 -3.13 -36.78 -17.81
N ILE A 474 -4.35 -36.35 -17.46
CA ILE A 474 -5.02 -35.32 -18.25
C ILE A 474 -4.28 -33.99 -18.13
N ALA A 475 -3.70 -33.71 -16.96
CA ALA A 475 -2.87 -32.52 -16.81
C ALA A 475 -1.63 -32.60 -17.68
N LEU A 476 -1.01 -33.78 -17.76
CA LEU A 476 0.14 -33.97 -18.62
C LEU A 476 -0.21 -33.74 -20.09
N LEU A 477 -1.36 -34.26 -20.52
CA LEU A 477 -1.77 -34.09 -21.91
C LEU A 477 -2.06 -32.61 -22.22
N CYS A 478 -2.72 -31.92 -21.29
CA CYS A 478 -3.01 -30.51 -21.50
C CYS A 478 -1.73 -29.67 -21.56
N ASN A 479 -0.75 -30.01 -20.71
CA ASN A 479 0.51 -29.25 -20.71
C ASN A 479 1.33 -29.52 -21.97
N ALA A 480 1.24 -30.74 -22.51
CA ALA A 480 2.11 -31.11 -23.63
C ALA A 480 1.53 -30.70 -24.97
N TYR A 481 0.22 -30.85 -25.16
CA TYR A 481 -0.42 -30.67 -26.45
C TYR A 481 -1.31 -29.43 -26.48
N SER A 482 -0.89 -28.37 -25.79
CA SER A 482 -1.70 -27.16 -25.70
C SER A 482 -1.60 -26.28 -26.93
N THR A 483 -0.74 -26.60 -27.89
CA THR A 483 -0.57 -25.79 -29.09
C THR A 483 -1.21 -26.41 -30.32
N ASN A 484 -0.98 -27.69 -30.58
CA ASN A 484 -1.61 -28.35 -31.72
C ASN A 484 -3.12 -28.44 -31.48
N SER A 485 -3.90 -28.06 -32.50
CA SER A 485 -5.35 -28.02 -32.34
C SER A 485 -5.95 -29.43 -32.34
N GLU A 486 -5.46 -30.31 -33.21
CA GLU A 486 -6.07 -31.63 -33.35
C GLU A 486 -5.94 -32.45 -32.08
N CYS A 487 -4.78 -32.41 -31.44
CA CYS A 487 -4.50 -33.24 -30.27
C CYS A 487 -4.82 -32.52 -28.96
N PHE A 488 -5.61 -31.44 -29.02
CA PHE A 488 -5.95 -30.66 -27.84
C PHE A 488 -7.45 -30.60 -27.58
N THR A 489 -8.29 -30.85 -28.59
CA THR A 489 -9.73 -30.84 -28.38
C THR A 489 -10.17 -31.96 -27.45
N LEU A 490 -9.61 -33.16 -27.61
CA LEU A 490 -9.99 -34.28 -26.76
C LEU A 490 -9.64 -34.05 -25.30
N PRO A 491 -8.41 -33.66 -24.92
CA PRO A 491 -8.16 -33.41 -23.49
C PRO A 491 -8.94 -32.23 -22.94
N MET A 492 -9.12 -31.17 -23.74
CA MET A 492 -9.94 -30.05 -23.28
C MET A 492 -11.39 -30.47 -23.08
N GLY A 493 -11.95 -31.24 -24.02
CA GLY A 493 -13.30 -31.71 -23.85
C GLY A 493 -13.46 -32.59 -22.61
N ALA A 494 -12.50 -33.48 -22.38
CA ALA A 494 -12.53 -34.33 -21.19
C ALA A 494 -12.35 -33.52 -19.90
N LEU A 495 -11.72 -32.35 -19.98
CA LEU A 495 -11.53 -31.52 -18.81
C LEU A 495 -12.73 -30.63 -18.51
N VAL A 496 -13.42 -30.15 -19.55
CA VAL A 496 -14.54 -29.24 -19.33
C VAL A 496 -15.87 -29.96 -19.17
N GLU A 497 -15.99 -31.21 -19.64
CA GLU A 497 -17.26 -31.91 -19.55
C GLU A 497 -17.55 -32.40 -18.14
N THR A 498 -16.53 -32.46 -17.26
CA THR A 498 -16.77 -32.82 -15.87
C THR A 498 -17.36 -31.68 -15.07
N ILE A 499 -17.28 -30.46 -15.57
CA ILE A 499 -17.85 -29.31 -14.88
C ILE A 499 -19.00 -28.66 -15.65
N TYR A 500 -19.11 -28.88 -16.96
CA TYR A 500 -20.23 -28.30 -17.72
C TYR A 500 -21.53 -29.03 -17.44
N GLY A 501 -21.46 -30.33 -17.16
CA GLY A 501 -22.66 -31.11 -16.87
C GLY A 501 -23.63 -31.21 -18.03
N ASN A 502 -23.12 -31.45 -19.25
CA ASN A 502 -23.97 -31.38 -20.43
C ASN A 502 -24.93 -32.56 -20.52
N GLY A 503 -24.52 -33.75 -20.08
CA GLY A 503 -25.35 -34.93 -20.25
C GLY A 503 -26.11 -35.41 -19.03
N ILE A 504 -25.70 -34.94 -17.85
CA ILE A 504 -26.24 -35.40 -16.57
C ILE A 504 -27.62 -34.77 -16.37
N MET A 505 -28.38 -35.28 -15.41
CA MET A 505 -29.66 -34.74 -15.00
C MET A 505 -29.48 -33.36 -14.37
N ARG A 506 -30.58 -32.79 -13.89
CA ARG A 506 -30.60 -31.42 -13.38
C ARG A 506 -30.86 -31.42 -11.89
N ILE A 507 -30.24 -30.48 -11.18
CA ILE A 507 -30.31 -30.42 -9.72
C ILE A 507 -31.14 -29.22 -9.28
N PRO A 508 -31.78 -29.26 -8.12
CA PRO A 508 -32.45 -28.06 -7.60
C PRO A 508 -31.46 -27.06 -7.05
N LEU A 509 -31.92 -25.82 -6.97
CA LEU A 509 -31.17 -24.70 -6.42
C LEU A 509 -32.04 -24.02 -5.36
N PRO A 510 -31.43 -23.31 -4.42
CA PRO A 510 -32.23 -22.65 -3.37
C PRO A 510 -33.24 -21.68 -3.97
N GLY A 511 -34.43 -21.66 -3.38
CA GLY A 511 -35.54 -20.89 -3.87
C GLY A 511 -36.63 -21.77 -4.45
N THR A 512 -37.44 -21.16 -5.32
CA THR A 512 -38.54 -21.85 -5.98
C THR A 512 -38.37 -21.76 -7.49
N ASN A 513 -38.51 -22.88 -8.17
CA ASN A 513 -38.43 -22.97 -9.63
C ASN A 513 -37.10 -22.42 -10.14
N CYS A 514 -36.01 -23.09 -9.74
CA CYS A 514 -34.67 -22.74 -10.20
C CYS A 514 -33.87 -24.02 -10.31
N MET A 515 -33.37 -24.30 -11.51
CA MET A 515 -32.63 -25.51 -11.79
C MET A 515 -31.29 -25.17 -12.45
N ALA A 516 -30.30 -26.03 -12.22
CA ALA A 516 -28.97 -25.85 -12.78
C ALA A 516 -28.45 -27.21 -13.23
N SER A 517 -27.24 -27.20 -13.80
CA SER A 517 -26.62 -28.43 -14.26
C SER A 517 -26.21 -29.31 -13.07
N GLY A 518 -26.03 -30.60 -13.36
CA GLY A 518 -25.79 -31.58 -12.32
C GLY A 518 -24.40 -31.59 -11.72
N SER A 519 -23.45 -30.90 -12.31
CA SER A 519 -22.08 -30.91 -11.81
C SER A 519 -22.00 -30.19 -10.47
N ILE A 520 -21.37 -30.82 -9.48
CA ILE A 520 -21.25 -30.26 -8.14
C ILE A 520 -19.80 -30.31 -7.69
N THR A 521 -18.95 -31.01 -8.45
CA THR A 521 -17.56 -31.20 -8.06
C THR A 521 -16.67 -30.31 -8.90
N PRO A 522 -16.08 -29.25 -8.34
CA PRO A 522 -15.17 -28.40 -9.13
C PRO A 522 -13.80 -29.05 -9.27
N LEU A 523 -12.99 -28.43 -10.14
CA LEU A 523 -11.62 -28.91 -10.33
C LEU A 523 -10.80 -28.66 -9.08
N PRO A 524 -10.04 -29.65 -8.60
CA PRO A 524 -9.27 -29.45 -7.37
C PRO A 524 -8.19 -28.40 -7.55
N MET A 525 -7.84 -27.74 -6.43
CA MET A 525 -6.85 -26.68 -6.47
C MET A 525 -5.48 -27.20 -6.85
N ASN A 526 -5.08 -28.37 -6.32
CA ASN A 526 -3.78 -28.92 -6.66
C ASN A 526 -3.71 -29.34 -8.12
N LEU A 527 -4.83 -29.79 -8.68
CA LEU A 527 -4.87 -30.05 -10.13
C LEU A 527 -4.71 -28.76 -10.92
N LEU A 528 -5.36 -27.68 -10.47
CA LEU A 528 -5.24 -26.39 -11.15
C LEU A 528 -3.80 -25.88 -11.13
N ASP A 529 -3.12 -26.03 -9.99
CA ASP A 529 -1.73 -25.60 -9.89
C ASP A 529 -0.81 -26.47 -10.72
N SER A 530 -1.23 -27.67 -11.09
CA SER A 530 -0.43 -28.54 -11.94
C SER A 530 -0.52 -28.19 -13.42
N LEU A 531 -1.50 -27.39 -13.80
CA LEU A 531 -1.63 -26.95 -15.19
C LEU A 531 -0.64 -25.82 -15.48
N THR A 532 -0.63 -25.38 -16.74
CA THR A 532 0.23 -24.30 -17.18
C THR A 532 -0.60 -23.04 -17.40
N VAL A 533 0.10 -21.93 -17.65
CA VAL A 533 -0.59 -20.66 -17.88
C VAL A 533 -1.43 -20.72 -19.15
N HIS A 534 -0.89 -21.31 -20.22
CA HIS A 534 -1.63 -21.38 -21.47
C HIS A 534 -2.88 -22.25 -21.35
N ALA A 535 -2.76 -23.38 -20.64
CA ALA A 535 -3.93 -24.23 -20.42
C ALA A 535 -4.99 -23.52 -19.59
N LYS A 536 -4.56 -22.75 -18.58
CA LYS A 536 -5.51 -22.00 -17.76
C LYS A 536 -6.22 -20.92 -18.58
N MET A 537 -5.49 -20.24 -19.48
CA MET A 537 -6.13 -19.26 -20.35
C MET A 537 -7.15 -19.92 -21.26
N SER A 538 -6.82 -21.10 -21.80
CA SER A 538 -7.76 -21.81 -22.66
C SER A 538 -9.00 -22.25 -21.88
N LEU A 539 -8.81 -22.72 -20.65
CA LEU A 539 -9.95 -23.11 -19.82
C LEU A 539 -10.83 -21.92 -19.50
N ILE A 540 -10.23 -20.80 -19.10
CA ILE A 540 -11.01 -19.62 -18.73
C ILE A 540 -11.69 -19.00 -19.95
N HIS A 541 -11.06 -19.10 -21.13
CA HIS A 541 -11.70 -18.61 -22.34
C HIS A 541 -12.92 -19.44 -22.70
N SER A 542 -12.83 -20.77 -22.55
CA SER A 542 -13.96 -21.63 -22.82
C SER A 542 -15.11 -21.37 -21.86
N ILE A 543 -14.80 -21.14 -20.58
CA ILE A 543 -15.84 -20.83 -19.61
C ILE A 543 -16.52 -19.52 -19.94
N ALA A 544 -15.73 -18.50 -20.28
CA ALA A 544 -16.30 -17.20 -20.62
C ALA A 544 -17.15 -17.27 -21.87
N THR A 545 -16.70 -18.01 -22.89
CA THR A 545 -17.47 -18.15 -24.12
C THR A 545 -18.80 -18.85 -23.85
N ARG A 546 -18.79 -19.89 -23.02
CA ARG A 546 -20.03 -20.58 -22.69
C ARG A 546 -20.99 -19.68 -21.93
N VAL A 547 -20.46 -18.86 -21.02
CA VAL A 547 -21.30 -17.92 -20.26
C VAL A 547 -21.94 -16.92 -21.21
N ILE A 548 -21.16 -16.37 -22.14
CA ILE A 548 -21.70 -15.39 -23.09
C ILE A 548 -22.74 -16.05 -23.99
N LYS A 549 -22.47 -17.28 -24.44
CA LYS A 549 -23.43 -17.98 -25.29
C LYS A 549 -24.74 -18.23 -24.54
N LEU A 550 -24.65 -18.62 -23.26
CA LEU A 550 -25.85 -18.82 -22.47
C LEU A 550 -26.61 -17.51 -22.25
N ALA A 551 -25.88 -16.41 -22.06
CA ALA A 551 -26.52 -15.11 -21.90
C ALA A 551 -27.29 -14.71 -23.16
N HIS A 552 -26.70 -14.92 -24.33
CA HIS A 552 -27.38 -14.61 -25.58
C HIS A 552 -28.56 -15.55 -25.82
N ALA A 553 -28.44 -16.81 -25.42
CA ALA A 553 -29.48 -17.80 -25.70
C ALA A 553 -30.75 -17.54 -24.90
N LYS A 554 -30.66 -16.87 -23.76
CA LYS A 554 -31.81 -16.58 -22.90
C LYS A 554 -32.52 -17.87 -22.49
N SER A 555 -31.79 -18.67 -21.71
CA SER A 555 -32.27 -19.94 -21.19
C SER A 555 -32.46 -19.83 -19.68
N SER A 556 -33.52 -20.46 -19.18
CA SER A 556 -33.81 -20.45 -17.75
C SER A 556 -32.87 -21.35 -16.95
N VAL A 557 -32.05 -22.17 -17.62
CA VAL A 557 -31.15 -23.07 -16.90
C VAL A 557 -29.99 -22.28 -16.31
N ALA A 558 -29.75 -22.48 -15.02
CA ALA A 558 -28.64 -21.81 -14.37
C ALA A 558 -27.33 -22.56 -14.64
N LEU A 559 -26.22 -21.87 -14.37
CA LEU A 559 -24.91 -22.47 -14.56
C LEU A 559 -24.63 -23.52 -13.49
N ALA A 560 -23.72 -24.43 -13.81
CA ALA A 560 -23.35 -25.49 -12.89
C ALA A 560 -22.59 -24.91 -11.70
N PRO A 561 -22.85 -25.37 -10.48
CA PRO A 561 -22.03 -24.93 -9.34
C PRO A 561 -20.56 -25.24 -9.49
N ALA A 562 -20.22 -26.36 -10.13
CA ALA A 562 -18.82 -26.67 -10.40
C ALA A 562 -18.19 -25.64 -11.33
N LEU A 563 -18.94 -25.21 -12.35
CA LEU A 563 -18.45 -24.18 -13.26
C LEU A 563 -18.20 -22.87 -12.51
N VAL A 564 -19.13 -22.48 -11.64
CA VAL A 564 -18.98 -21.23 -10.91
C VAL A 564 -17.78 -21.30 -9.96
N GLU A 565 -17.64 -22.42 -9.24
CA GLU A 565 -16.51 -22.56 -8.33
C GLU A 565 -15.19 -22.59 -9.08
N THR A 566 -15.13 -23.30 -10.21
CA THR A 566 -13.90 -23.35 -10.99
C THR A 566 -13.52 -21.98 -11.53
N TYR A 567 -14.52 -21.22 -11.99
CA TYR A 567 -14.25 -19.87 -12.46
C TYR A 567 -13.71 -18.98 -11.34
N SER A 568 -14.30 -19.08 -10.15
CA SER A 568 -13.83 -18.28 -9.02
C SER A 568 -12.40 -18.68 -8.63
N ARG A 569 -12.10 -19.98 -8.67
CA ARG A 569 -10.74 -20.42 -8.35
C ARG A 569 -9.74 -20.01 -9.41
N LEU A 570 -10.17 -19.92 -10.67
CA LEU A 570 -9.26 -19.51 -11.74
C LEU A 570 -9.01 -18.01 -11.77
N LEU A 571 -9.86 -17.22 -11.12
CA LEU A 571 -9.74 -15.76 -11.14
C LEU A 571 -8.79 -15.22 -10.08
N VAL A 572 -8.02 -16.08 -9.40
CA VAL A 572 -7.03 -15.63 -8.43
C VAL A 572 -5.62 -15.62 -8.99
N TYR A 573 -5.44 -16.10 -10.22
CA TYR A 573 -4.12 -16.09 -10.86
C TYR A 573 -3.91 -14.76 -11.55
N MET A 574 -2.79 -14.11 -11.24
CA MET A 574 -2.46 -12.79 -11.76
C MET A 574 -1.77 -12.82 -13.11
N GLU A 575 -1.45 -14.01 -13.63
CA GLU A 575 -0.78 -14.11 -14.91
C GLU A 575 -1.76 -14.01 -16.07
N ILE A 576 -3.04 -14.18 -15.77
CA ILE A 576 -4.09 -14.10 -16.77
C ILE A 576 -4.84 -12.76 -16.63
N GLU A 577 -4.21 -11.78 -15.97
CA GLU A 577 -4.86 -10.49 -15.72
C GLU A 577 -5.28 -9.79 -17.00
N SER A 578 -4.64 -10.12 -18.13
CA SER A 578 -5.03 -9.51 -19.40
C SER A 578 -6.48 -9.85 -19.76
N LEU A 579 -6.93 -11.04 -19.41
CA LEU A 579 -8.31 -11.43 -19.70
C LEU A 579 -8.99 -12.18 -18.55
N GLY A 580 -8.34 -12.35 -17.41
CA GLY A 580 -8.96 -12.99 -16.27
C GLY A 580 -9.87 -12.08 -15.48
N ILE A 581 -9.31 -11.04 -14.88
CA ILE A 581 -10.07 -10.15 -14.02
C ILE A 581 -10.36 -8.84 -14.74
N LYS A 582 -9.50 -8.47 -15.69
CA LYS A 582 -9.77 -7.28 -16.49
C LYS A 582 -10.98 -7.50 -17.40
N GLY A 583 -11.04 -8.66 -18.05
CA GLY A 583 -12.17 -8.97 -18.92
C GLY A 583 -13.44 -9.32 -18.16
N PHE A 584 -13.33 -9.69 -16.89
CA PHE A 584 -14.51 -9.98 -16.09
C PHE A 584 -15.35 -8.72 -15.87
N ILE A 585 -14.70 -7.57 -15.70
CA ILE A 585 -15.40 -6.32 -15.46
C ILE A 585 -15.56 -5.51 -16.73
N SER A 586 -14.56 -5.53 -17.61
CA SER A 586 -14.59 -4.69 -18.81
C SER A 586 -15.52 -5.26 -19.88
N GLN A 587 -15.56 -6.59 -20.02
CA GLN A 587 -16.30 -7.21 -21.12
C GLN A 587 -17.47 -8.06 -20.66
N LEU A 588 -17.24 -9.01 -19.74
CA LEU A 588 -18.27 -9.97 -19.40
C LEU A 588 -19.47 -9.30 -18.74
N LEU A 589 -19.23 -8.49 -17.72
CA LEU A 589 -20.34 -7.82 -17.03
C LEU A 589 -21.12 -6.87 -17.93
N PRO A 590 -20.49 -6.00 -18.73
CA PRO A 590 -21.30 -5.19 -19.67
C PRO A 590 -22.07 -6.02 -20.67
N THR A 591 -21.49 -7.14 -21.14
CA THR A 591 -22.20 -7.98 -22.11
C THR A 591 -23.46 -8.60 -21.50
N VAL A 592 -23.35 -9.12 -20.28
CA VAL A 592 -24.54 -9.66 -19.61
C VAL A 592 -25.53 -8.55 -19.31
N PHE A 593 -25.05 -7.36 -18.97
CA PHE A 593 -25.93 -6.24 -18.69
C PHE A 593 -26.75 -5.90 -19.93
N LYS A 594 -26.09 -5.79 -21.09
CA LYS A 594 -26.80 -5.46 -22.32
C LYS A 594 -27.68 -6.61 -22.79
N SER A 595 -27.31 -7.85 -22.48
CA SER A 595 -28.08 -9.00 -22.92
C SER A 595 -29.36 -9.20 -22.11
N HIS A 596 -29.51 -8.51 -20.98
CA HIS A 596 -30.71 -8.57 -20.15
C HIS A 596 -30.97 -10.00 -19.67
N ALA A 597 -30.00 -10.53 -18.93
CA ALA A 597 -30.10 -11.89 -18.41
C ALA A 597 -30.67 -11.94 -16.99
N TRP A 598 -30.04 -11.19 -16.07
CA TRP A 598 -30.46 -11.02 -14.68
C TRP A 598 -30.24 -12.29 -13.87
N GLY A 599 -29.87 -13.39 -14.52
CA GLY A 599 -29.55 -14.61 -13.79
C GLY A 599 -28.06 -14.80 -13.68
N ILE A 600 -27.36 -14.64 -14.80
CA ILE A 600 -25.91 -14.71 -14.79
C ILE A 600 -25.32 -13.52 -14.02
N LEU A 601 -25.96 -12.36 -14.13
CA LEU A 601 -25.49 -11.18 -13.41
C LEU A 601 -25.55 -11.41 -11.90
N HIS A 602 -26.64 -12.01 -11.43
CA HIS A 602 -26.74 -12.34 -10.00
C HIS A 602 -25.67 -13.35 -9.59
N THR A 603 -25.40 -14.34 -10.44
CA THR A 603 -24.37 -15.33 -10.13
C THR A 603 -23.00 -14.69 -10.06
N LEU A 604 -22.68 -13.78 -10.99
CA LEU A 604 -21.39 -13.13 -10.99
C LEU A 604 -21.23 -12.21 -9.78
N LEU A 605 -22.28 -11.47 -9.42
CA LEU A 605 -22.22 -10.60 -8.26
C LEU A 605 -22.04 -11.41 -6.97
N GLU A 606 -22.75 -12.53 -6.84
CA GLU A 606 -22.57 -13.38 -5.67
C GLU A 606 -21.17 -13.98 -5.65
N MET A 607 -20.63 -14.33 -6.82
CA MET A 607 -19.25 -14.81 -6.90
C MET A 607 -18.28 -13.73 -6.43
N PHE A 608 -18.52 -12.48 -6.84
CA PHE A 608 -17.67 -11.38 -6.40
C PHE A 608 -17.70 -11.20 -4.88
N SER A 609 -18.90 -11.29 -4.30
CA SER A 609 -19.05 -11.01 -2.88
C SER A 609 -18.41 -12.09 -2.01
N TYR A 610 -18.53 -13.35 -2.40
CA TYR A 610 -18.23 -14.46 -1.51
C TYR A 610 -17.05 -15.32 -1.95
N ARG A 611 -16.37 -14.98 -3.05
CA ARG A 611 -15.28 -15.83 -3.51
C ARG A 611 -14.07 -15.04 -4.01
N MET A 612 -13.96 -13.76 -3.67
CA MET A 612 -12.87 -12.91 -4.12
C MET A 612 -12.04 -12.44 -2.93
N HIS A 613 -10.72 -12.50 -3.08
CA HIS A 613 -9.81 -12.14 -2.00
C HIS A 613 -8.95 -10.93 -2.32
N HIS A 614 -8.20 -10.95 -3.42
CA HIS A 614 -7.23 -9.91 -3.74
C HIS A 614 -7.61 -9.27 -5.07
N ILE A 615 -8.08 -8.04 -5.03
CA ILE A 615 -8.48 -7.30 -6.22
C ILE A 615 -8.00 -5.87 -6.09
N GLN A 616 -7.46 -5.32 -7.18
CA GLN A 616 -6.87 -3.98 -7.17
C GLN A 616 -7.93 -2.92 -6.87
N PRO A 617 -7.54 -1.84 -6.19
CA PRO A 617 -8.53 -0.82 -5.80
C PRO A 617 -9.27 -0.20 -6.97
N HIS A 618 -8.60 0.04 -8.10
CA HIS A 618 -9.29 0.68 -9.22
C HIS A 618 -10.33 -0.25 -9.84
N TYR A 619 -10.07 -1.55 -9.86
CA TYR A 619 -11.10 -2.50 -10.28
C TYR A 619 -12.28 -2.48 -9.33
N ARG A 620 -12.00 -2.40 -8.02
CA ARG A 620 -13.09 -2.36 -7.04
C ARG A 620 -13.93 -1.10 -7.19
N VAL A 621 -13.29 0.05 -7.39
CA VAL A 621 -14.03 1.29 -7.59
C VAL A 621 -14.82 1.23 -8.90
N GLN A 622 -14.24 0.61 -9.93
CA GLN A 622 -14.94 0.47 -11.20
C GLN A 622 -16.21 -0.36 -11.04
N LEU A 623 -16.14 -1.45 -10.29
CA LEU A 623 -17.32 -2.27 -10.05
C LEU A 623 -18.32 -1.55 -9.15
N LEU A 624 -17.83 -0.69 -8.24
CA LEU A 624 -18.73 0.11 -7.43
C LEU A 624 -19.55 1.06 -8.29
N SER A 625 -18.90 1.71 -9.26
CA SER A 625 -19.62 2.58 -10.18
C SER A 625 -20.60 1.78 -11.03
N HIS A 626 -20.19 0.59 -11.48
CA HIS A 626 -21.09 -0.26 -12.25
C HIS A 626 -22.29 -0.69 -11.42
N LEU A 627 -22.08 -0.99 -10.14
CA LEU A 627 -23.20 -1.36 -9.27
C LEU A 627 -24.16 -0.19 -9.08
N HIS A 628 -23.61 1.02 -8.93
CA HIS A 628 -24.46 2.19 -8.68
C HIS A 628 -25.32 2.52 -9.89
N THR A 629 -24.75 2.49 -11.10
CA THR A 629 -25.57 2.73 -12.28
C THR A 629 -26.53 1.58 -12.54
N LEU A 630 -26.13 0.35 -12.21
CA LEU A 630 -27.01 -0.79 -12.38
C LEU A 630 -28.25 -0.66 -11.49
N ALA A 631 -28.07 -0.21 -10.25
CA ALA A 631 -29.20 -0.01 -9.37
C ALA A 631 -30.01 1.23 -9.75
N ALA A 632 -29.36 2.22 -10.37
CA ALA A 632 -30.05 3.46 -10.73
C ALA A 632 -30.96 3.28 -11.94
N VAL A 633 -30.51 2.53 -12.95
CA VAL A 633 -31.24 2.44 -14.21
C VAL A 633 -31.48 0.99 -14.57
N ALA A 634 -32.04 0.76 -15.77
CA ALA A 634 -32.36 -0.55 -16.35
C ALA A 634 -33.55 -1.22 -15.68
N GLN A 635 -34.31 -0.49 -14.86
CA GLN A 635 -35.54 -0.99 -14.24
C GLN A 635 -35.29 -2.28 -13.47
N THR A 636 -34.28 -2.25 -12.59
CA THR A 636 -33.96 -3.39 -11.74
C THR A 636 -34.80 -3.36 -10.47
N ASN A 637 -36.12 -3.36 -10.67
CA ASN A 637 -37.07 -3.32 -9.56
C ASN A 637 -37.47 -4.72 -9.11
N GLN A 638 -36.46 -5.54 -8.84
CA GLN A 638 -36.65 -6.88 -8.31
C GLN A 638 -36.01 -6.98 -6.93
N ASN A 639 -36.71 -7.65 -6.01
CA ASN A 639 -36.24 -7.70 -4.62
C ASN A 639 -34.89 -8.40 -4.51
N GLN A 640 -34.72 -9.51 -5.22
CA GLN A 640 -33.47 -10.27 -5.12
C GLN A 640 -32.30 -9.51 -5.71
N LEU A 641 -32.49 -8.93 -6.90
CA LEU A 641 -31.41 -8.18 -7.53
C LEU A 641 -31.07 -6.93 -6.74
N HIS A 642 -32.09 -6.22 -6.23
CA HIS A 642 -31.84 -5.02 -5.44
C HIS A 642 -31.06 -5.33 -4.17
N LEU A 643 -31.46 -6.40 -3.47
CA LEU A 643 -30.76 -6.78 -2.24
C LEU A 643 -29.32 -7.18 -2.54
N CYS A 644 -29.10 -7.91 -3.63
CA CYS A 644 -27.74 -8.33 -3.99
C CYS A 644 -26.86 -7.12 -4.29
N VAL A 645 -27.38 -6.13 -5.02
CA VAL A 645 -26.61 -4.93 -5.32
C VAL A 645 -26.29 -4.16 -4.05
N GLU A 646 -27.29 -4.01 -3.16
CA GLU A 646 -27.06 -3.28 -1.92
C GLU A 646 -26.01 -3.95 -1.06
N SER A 647 -26.08 -5.28 -0.94
CA SER A 647 -25.13 -6.01 -0.11
C SER A 647 -23.73 -5.96 -0.69
N THR A 648 -23.60 -6.14 -2.01
CA THR A 648 -22.29 -6.10 -2.64
C THR A 648 -21.65 -4.72 -2.51
N ALA A 649 -22.44 -3.67 -2.69
CA ALA A 649 -21.92 -2.31 -2.54
C ALA A 649 -21.49 -2.03 -1.10
N LEU A 650 -22.27 -2.49 -0.13
CA LEU A 650 -21.93 -2.25 1.27
C LEU A 650 -20.62 -2.94 1.64
N ARG A 651 -20.45 -4.20 1.22
CA ARG A 651 -19.21 -4.90 1.50
C ARG A 651 -18.03 -4.23 0.82
N LEU A 652 -18.22 -3.78 -0.42
CA LEU A 652 -17.13 -3.17 -1.18
C LEU A 652 -16.70 -1.84 -0.56
N ILE A 653 -17.66 -1.03 -0.11
CA ILE A 653 -17.33 0.24 0.55
C ILE A 653 -16.64 -0.01 1.88
N THR A 654 -17.15 -0.95 2.67
CA THR A 654 -16.60 -1.18 4.00
C THR A 654 -15.18 -1.75 3.93
N ALA A 655 -14.92 -2.66 2.99
CA ALA A 655 -13.65 -3.35 2.90
C ALA A 655 -12.54 -2.50 2.29
N LEU A 656 -12.77 -1.21 2.07
CA LEU A 656 -11.75 -0.36 1.48
C LEU A 656 -10.61 -0.13 2.46
N GLY A 657 -9.38 -0.04 1.93
CA GLY A 657 -8.23 0.21 2.77
C GLY A 657 -8.11 1.66 3.18
N SER A 658 -7.25 1.89 4.18
CA SER A 658 -7.05 3.25 4.69
C SER A 658 -6.18 4.08 3.76
N SER A 659 -5.21 3.47 3.08
CA SER A 659 -4.29 4.17 2.21
C SER A 659 -4.73 4.18 0.76
N GLU A 660 -5.94 3.70 0.46
CA GLU A 660 -6.42 3.62 -0.91
C GLU A 660 -7.55 4.59 -1.22
N VAL A 661 -8.19 5.18 -0.20
CA VAL A 661 -9.35 6.03 -0.45
C VAL A 661 -8.95 7.27 -1.23
N GLN A 662 -7.92 7.98 -0.76
CA GLN A 662 -7.53 9.21 -1.44
C GLN A 662 -7.03 8.99 -2.86
N PRO A 663 -6.10 8.06 -3.14
CA PRO A 663 -5.65 7.90 -4.54
C PRO A 663 -6.73 7.39 -5.48
N GLN A 664 -7.69 6.60 -4.99
CA GLN A 664 -8.75 6.08 -5.84
C GLN A 664 -9.93 7.03 -5.99
N PHE A 665 -10.04 8.04 -5.13
CA PHE A 665 -11.10 9.03 -5.24
C PHE A 665 -10.60 10.36 -5.79
N THR A 666 -9.28 10.52 -5.94
CA THR A 666 -8.74 11.76 -6.48
C THR A 666 -8.95 11.84 -8.00
N ARG A 667 -9.07 10.69 -8.66
CA ARG A 667 -9.28 10.66 -10.10
C ARG A 667 -10.74 10.82 -10.50
N PHE A 668 -11.67 10.93 -9.54
CA PHE A 668 -13.10 11.01 -9.81
C PHE A 668 -13.69 12.37 -9.46
N LEU A 669 -12.87 13.39 -9.23
CA LEU A 669 -13.41 14.73 -8.99
C LEU A 669 -14.08 15.32 -10.23
N SER A 670 -13.82 14.78 -11.42
CA SER A 670 -14.52 15.27 -12.61
C SER A 670 -16.01 14.95 -12.53
N ASP A 671 -16.35 13.70 -12.24
CA ASP A 671 -17.74 13.24 -12.09
C ASP A 671 -17.85 12.42 -10.82
N PRO A 672 -17.95 13.08 -9.66
CA PRO A 672 -18.12 12.32 -8.41
C PRO A 672 -19.39 11.49 -8.39
N LYS A 673 -20.45 11.94 -9.05
CA LYS A 673 -21.72 11.22 -9.01
C LYS A 673 -21.61 9.82 -9.62
N THR A 674 -20.56 9.55 -10.39
CA THR A 674 -20.35 8.20 -10.90
C THR A 674 -20.11 7.20 -9.77
N VAL A 675 -19.30 7.58 -8.79
CA VAL A 675 -19.00 6.70 -7.67
C VAL A 675 -20.00 6.88 -6.53
N LEU A 676 -20.46 8.10 -6.29
CA LEU A 676 -21.45 8.38 -5.28
C LEU A 676 -22.84 7.91 -5.71
N SER A 677 -23.66 7.56 -4.73
CA SER A 677 -24.99 7.02 -4.97
C SER A 677 -26.03 8.13 -5.00
N ALA A 678 -27.20 7.80 -5.55
CA ALA A 678 -28.27 8.77 -5.74
C ALA A 678 -29.42 8.62 -4.76
N GLU A 679 -29.69 7.42 -4.26
CA GLU A 679 -30.83 7.18 -3.37
C GLU A 679 -30.51 6.36 -2.13
N SER A 680 -29.31 5.79 -2.02
CA SER A 680 -28.96 4.92 -0.90
C SER A 680 -28.27 5.77 0.18
N GLU A 681 -29.05 6.23 1.15
CA GLU A 681 -28.49 7.00 2.25
C GLU A 681 -27.57 6.13 3.11
N GLU A 682 -27.92 4.85 3.28
CA GLU A 682 -27.09 3.96 4.07
C GLU A 682 -25.71 3.78 3.46
N LEU A 683 -25.64 3.63 2.13
CA LEU A 683 -24.35 3.51 1.46
C LEU A 683 -23.55 4.81 1.59
N ASN A 684 -24.21 5.96 1.46
CA ASN A 684 -23.52 7.24 1.59
C ASN A 684 -22.95 7.41 3.00
N ARG A 685 -23.74 7.06 4.02
CA ARG A 685 -23.26 7.14 5.39
C ARG A 685 -22.11 6.17 5.63
N ALA A 686 -22.18 4.97 5.04
CA ALA A 686 -21.08 4.02 5.16
C ALA A 686 -19.82 4.55 4.50
N LEU A 687 -19.96 5.20 3.35
CA LEU A 687 -18.80 5.81 2.70
C LEU A 687 -18.20 6.92 3.56
N ILE A 688 -19.06 7.72 4.20
CA ILE A 688 -18.57 8.78 5.07
C ILE A 688 -17.82 8.20 6.26
N LEU A 689 -18.37 7.13 6.85
CA LEU A 689 -17.69 6.49 7.98
C LEU A 689 -16.34 5.91 7.57
N THR A 690 -16.27 5.27 6.40
CA THR A 690 -15.00 4.76 5.90
C THR A 690 -14.01 5.89 5.65
N LEU A 691 -14.51 7.01 5.08
CA LEU A 691 -13.64 8.16 4.84
C LEU A 691 -13.09 8.73 6.14
N ALA A 692 -13.94 8.84 7.17
CA ALA A 692 -13.47 9.36 8.45
C ALA A 692 -12.46 8.44 9.09
N ARG A 693 -12.69 7.12 9.02
CA ARG A 693 -11.75 6.17 9.58
C ARG A 693 -10.41 6.22 8.87
N ALA A 694 -10.43 6.30 7.53
CA ALA A 694 -9.18 6.33 6.77
C ALA A 694 -8.39 7.60 7.07
N THR A 695 -9.06 8.75 7.12
CA THR A 695 -8.37 10.01 7.39
C THR A 695 -7.83 10.06 8.82
N HIS A 696 -8.50 9.39 9.75
CA HIS A 696 -8.01 9.34 11.12
C HIS A 696 -6.77 8.45 11.24
N VAL A 697 -6.79 7.29 10.60
CA VAL A 697 -5.68 6.35 10.69
C VAL A 697 -4.45 6.90 9.98
N THR A 698 -4.64 7.52 8.81
CA THR A 698 -3.52 8.00 8.02
C THR A 698 -3.01 9.37 8.45
N ASP A 699 -3.65 9.99 9.44
CA ASP A 699 -3.25 11.30 9.96
C ASP A 699 -3.18 12.35 8.84
N PHE A 700 -4.25 12.41 8.05
CA PHE A 700 -4.28 13.30 6.90
C PHE A 700 -4.43 14.76 7.30
N PHE A 701 -5.26 15.04 8.30
CA PHE A 701 -5.62 16.41 8.66
C PHE A 701 -4.73 17.02 9.73
N THR A 702 -3.69 16.31 10.16
CA THR A 702 -2.79 16.85 11.17
C THR A 702 -1.99 18.00 10.58
N GLY A 703 -2.34 19.23 10.96
CA GLY A 703 -1.69 20.43 10.47
C GLY A 703 -2.66 21.43 9.85
N SER A 704 -3.75 20.94 9.25
CA SER A 704 -4.74 21.78 8.60
C SER A 704 -6.04 21.72 9.38
N ASP A 705 -6.57 22.89 9.75
CA ASP A 705 -7.81 22.99 10.51
C ASP A 705 -9.02 23.31 9.63
N SER A 706 -8.85 23.36 8.31
CA SER A 706 -9.92 23.68 7.39
C SER A 706 -10.07 22.57 6.36
N ILE A 707 -11.32 22.25 6.02
CA ILE A 707 -11.57 21.18 5.06
C ILE A 707 -11.41 21.69 3.63
N GLN A 708 -11.58 22.99 3.40
CA GLN A 708 -11.47 23.53 2.05
C GLN A 708 -10.04 23.40 1.55
N GLY A 709 -9.91 23.05 0.27
CA GLY A 709 -8.63 22.81 -0.35
C GLY A 709 -8.27 21.34 -0.53
N THR A 710 -9.06 20.43 0.03
CA THR A 710 -8.82 19.00 -0.06
C THR A 710 -9.85 18.36 -0.98
N TRP A 711 -9.64 17.08 -1.26
CA TRP A 711 -10.52 16.33 -2.17
C TRP A 711 -11.85 15.96 -1.53
N CYS A 712 -11.94 15.98 -0.20
CA CYS A 712 -13.16 15.54 0.47
C CYS A 712 -14.32 16.52 0.30
N LYS A 713 -14.02 17.79 -0.01
CA LYS A 713 -15.08 18.80 -0.09
C LYS A 713 -16.07 18.49 -1.20
N ASP A 714 -15.56 18.11 -2.39
CA ASP A 714 -16.46 17.82 -3.50
C ASP A 714 -17.33 16.61 -3.23
N ILE A 715 -16.75 15.56 -2.64
CA ILE A 715 -17.51 14.35 -2.36
C ILE A 715 -18.59 14.63 -1.32
N LEU A 716 -18.23 15.34 -0.25
CA LEU A 716 -19.21 15.62 0.81
C LEU A 716 -20.31 16.54 0.32
N GLN A 717 -19.97 17.56 -0.47
CA GLN A 717 -21.00 18.43 -1.02
C GLN A 717 -21.94 17.67 -1.93
N THR A 718 -21.40 16.76 -2.74
CA THR A 718 -22.25 15.97 -3.64
C THR A 718 -23.13 15.00 -2.87
N ILE A 719 -22.63 14.44 -1.76
CA ILE A 719 -23.46 13.61 -0.90
C ILE A 719 -24.59 14.43 -0.31
N MET A 720 -24.26 15.64 0.18
CA MET A 720 -25.28 16.49 0.81
C MET A 720 -26.33 16.93 -0.20
N SER A 721 -25.95 17.07 -1.48
CA SER A 721 -26.92 17.44 -2.51
C SER A 721 -27.77 16.25 -2.96
N PHE A 722 -27.36 15.03 -2.65
CA PHE A 722 -28.12 13.84 -3.02
C PHE A 722 -28.97 13.32 -1.87
N THR A 723 -28.33 12.99 -0.74
CA THR A 723 -29.01 12.43 0.42
C THR A 723 -28.63 13.23 1.66
N PRO A 724 -29.29 14.37 1.89
CA PRO A 724 -29.01 15.15 3.09
C PRO A 724 -29.35 14.37 4.35
N HIS A 725 -28.52 14.55 5.38
CA HIS A 725 -28.69 13.82 6.63
C HIS A 725 -27.94 14.55 7.74
N ASN A 726 -28.24 14.15 8.97
CA ASN A 726 -27.54 14.64 10.15
C ASN A 726 -26.78 13.51 10.83
N TRP A 727 -26.02 13.86 11.86
CA TRP A 727 -25.19 12.93 12.59
C TRP A 727 -25.42 13.07 14.08
N ALA A 728 -25.32 11.95 14.79
CA ALA A 728 -25.44 11.95 16.24
C ALA A 728 -24.19 12.56 16.87
N SER A 729 -24.38 13.13 18.07
CA SER A 729 -23.27 13.81 18.73
C SER A 729 -22.15 12.84 19.10
N HIS A 730 -22.51 11.66 19.62
CA HIS A 730 -21.47 10.70 20.01
C HIS A 730 -20.74 10.14 18.80
N THR A 731 -21.45 9.95 17.68
CA THR A 731 -20.78 9.49 16.47
C THR A 731 -19.95 10.60 15.85
N LEU A 732 -20.44 11.84 15.88
CA LEU A 732 -19.73 12.94 15.25
C LEU A 732 -18.51 13.37 16.05
N SER A 733 -18.53 13.16 17.36
CA SER A 733 -17.41 13.60 18.21
C SER A 733 -16.13 12.84 17.92
N CYS A 734 -16.20 11.65 17.33
CA CYS A 734 -15.02 10.88 16.99
C CYS A 734 -14.48 11.19 15.61
N PHE A 735 -15.18 12.01 14.83
CA PHE A 735 -14.70 12.40 13.51
C PHE A 735 -13.51 13.35 13.64
N PRO A 736 -12.67 13.43 12.61
CA PRO A 736 -11.61 14.44 12.61
C PRO A 736 -12.19 15.86 12.63
N GLY A 737 -11.35 16.81 13.04
CA GLY A 737 -11.76 18.18 13.23
C GLY A 737 -12.36 18.85 12.00
N PRO A 738 -11.68 18.76 10.85
CA PRO A 738 -12.28 19.32 9.63
C PRO A 738 -13.65 18.74 9.29
N LEU A 739 -13.84 17.43 9.50
CA LEU A 739 -15.15 16.83 9.23
C LEU A 739 -16.19 17.33 10.24
N GLN A 740 -15.80 17.47 11.50
CA GLN A 740 -16.73 18.01 12.50
C GLN A 740 -17.14 19.43 12.15
N ALA A 741 -16.18 20.25 11.70
CA ALA A 741 -16.51 21.62 11.30
C ALA A 741 -17.44 21.63 10.10
N PHE A 742 -17.23 20.72 9.14
CA PHE A 742 -18.10 20.66 7.98
C PHE A 742 -19.53 20.29 8.38
N PHE A 743 -19.69 19.33 9.28
CA PHE A 743 -21.01 18.88 9.67
C PHE A 743 -21.66 19.75 10.75
N LYS A 744 -20.91 20.63 11.41
CA LYS A 744 -21.52 21.62 12.28
C LYS A 744 -22.42 22.55 11.46
N GLN A 745 -21.89 23.07 10.36
CA GLN A 745 -22.72 23.70 9.34
C GLN A 745 -23.32 22.60 8.46
N ASN A 746 -24.06 23.01 7.43
CA ASN A 746 -24.76 22.08 6.55
C ASN A 746 -25.65 21.13 7.35
N ASN A 747 -26.33 21.69 8.35
CA ASN A 747 -27.21 20.91 9.22
C ASN A 747 -28.62 20.95 8.66
N VAL A 748 -29.23 19.78 8.50
CA VAL A 748 -30.54 19.64 7.88
C VAL A 748 -31.59 19.57 8.97
N PRO A 749 -32.62 20.41 8.94
CA PRO A 749 -33.71 20.28 9.92
C PRO A 749 -34.42 18.95 9.78
N GLN A 750 -34.85 18.39 10.91
CA GLN A 750 -35.47 17.08 10.95
C GLN A 750 -36.96 17.20 11.27
N GLU A 751 -37.69 16.12 10.97
CA GLU A 751 -39.11 16.08 11.27
C GLU A 751 -39.35 15.96 12.76
N SER A 752 -40.51 16.46 13.20
CA SER A 752 -40.86 16.43 14.61
C SER A 752 -41.56 15.12 14.96
N ARG A 753 -41.34 14.67 16.20
CA ARG A 753 -41.95 13.43 16.66
C ARG A 753 -43.46 13.57 16.78
N PHE A 754 -43.93 14.75 17.19
CA PHE A 754 -45.37 15.00 17.24
C PHE A 754 -45.98 14.97 15.84
N ASN A 755 -45.29 15.57 14.86
CA ASN A 755 -45.80 15.56 13.49
C ASN A 755 -45.86 14.14 12.93
N LEU A 756 -44.83 13.33 13.20
CA LEU A 756 -44.82 11.97 12.71
C LEU A 756 -45.95 11.15 13.34
N LYS A 757 -46.17 11.31 14.65
CA LYS A 757 -47.25 10.59 15.31
C LYS A 757 -48.60 11.00 14.76
N LYS A 758 -48.81 12.31 14.57
CA LYS A 758 -50.09 12.78 14.04
C LYS A 758 -50.32 12.28 12.62
N ASN A 759 -49.28 12.30 11.79
CA ASN A 759 -49.42 11.83 10.41
C ASN A 759 -49.77 10.36 10.36
N VAL A 760 -49.10 9.54 11.19
CA VAL A 760 -49.39 8.10 11.20
C VAL A 760 -50.80 7.84 11.67
N GLU A 761 -51.25 8.55 12.72
CA GLU A 761 -52.60 8.35 13.23
C GLU A 761 -53.64 8.75 12.18
N GLU A 762 -53.43 9.88 11.50
CA GLU A 762 -54.39 10.33 10.49
C GLU A 762 -54.45 9.36 9.32
N GLU A 763 -53.29 8.89 8.84
CA GLU A 763 -53.27 7.94 7.74
C GLU A 763 -53.93 6.62 8.14
N TYR A 764 -53.77 6.21 9.39
CA TYR A 764 -54.35 4.96 9.85
C TYR A 764 -55.87 5.08 9.97
N ARG A 765 -56.35 6.24 10.43
CA ARG A 765 -57.80 6.49 10.43
C ARG A 765 -58.36 6.50 9.03
N LYS A 766 -57.62 7.10 8.08
CA LYS A 766 -58.06 7.10 6.69
C LYS A 766 -58.11 5.67 6.14
N TRP A 767 -57.18 4.81 6.56
CA TRP A 767 -57.18 3.43 6.10
C TRP A 767 -58.43 2.69 6.57
N LYS A 768 -58.86 2.94 7.81
CA LYS A 768 -60.10 2.33 8.30
C LYS A 768 -61.31 2.78 7.51
N SER A 769 -61.40 4.08 7.22
CA SER A 769 -62.61 4.64 6.63
C SER A 769 -62.75 4.36 5.14
N MET A 770 -61.73 3.80 4.50
CA MET A 770 -61.75 3.59 3.07
C MET A 770 -62.06 2.12 2.75
N SER A 771 -62.97 1.92 1.80
CA SER A 771 -63.46 0.58 1.48
C SER A 771 -63.30 0.19 0.02
N ASN A 772 -63.10 1.14 -0.89
CA ASN A 772 -62.96 0.79 -2.30
C ASN A 772 -61.66 0.03 -2.54
N GLU A 773 -61.70 -0.90 -3.49
CA GLU A 773 -60.54 -1.74 -3.76
C GLU A 773 -59.40 -0.94 -4.36
N ASN A 774 -59.68 -0.16 -5.40
CA ASN A 774 -58.62 0.54 -6.13
C ASN A 774 -58.13 1.77 -5.38
N ASP A 775 -58.98 2.40 -4.56
CA ASP A 775 -58.59 3.65 -3.91
C ASP A 775 -57.44 3.45 -2.94
N ILE A 776 -57.43 2.35 -2.17
CA ILE A 776 -56.35 2.12 -1.22
C ILE A 776 -55.03 1.94 -1.96
N ILE A 777 -55.05 1.13 -3.02
CA ILE A 777 -53.83 0.84 -3.76
C ILE A 777 -53.28 2.09 -4.42
N THR A 778 -54.16 2.89 -5.03
CA THR A 778 -53.71 4.08 -5.73
C THR A 778 -53.31 5.21 -4.79
N HIS A 779 -53.72 5.14 -3.52
CA HIS A 779 -53.39 6.20 -2.55
C HIS A 779 -52.10 5.89 -1.79
N PHE A 780 -52.00 4.68 -1.22
CA PHE A 780 -50.89 4.34 -0.35
C PHE A 780 -49.63 3.94 -1.11
N SER A 781 -49.68 3.90 -2.44
CA SER A 781 -48.52 3.62 -3.26
C SER A 781 -48.08 4.82 -4.10
N MET A 782 -48.61 6.01 -3.80
CA MET A 782 -48.21 7.21 -4.53
C MET A 782 -46.75 7.55 -4.26
N GLN A 783 -46.07 8.01 -5.31
CA GLN A 783 -44.71 8.52 -5.16
C GLN A 783 -44.75 9.97 -4.69
N GLY A 784 -43.91 10.29 -3.71
CA GLY A 784 -43.88 11.60 -3.10
C GLY A 784 -44.63 11.71 -1.79
N SER A 785 -45.54 10.77 -1.50
CA SER A 785 -46.19 10.74 -0.22
C SER A 785 -45.22 10.27 0.86
N PRO A 786 -45.43 10.66 2.11
CA PRO A 786 -44.53 10.23 3.19
C PRO A 786 -44.46 8.72 3.29
N PRO A 787 -43.26 8.15 3.38
CA PRO A 787 -43.08 6.68 3.46
C PRO A 787 -43.37 6.14 4.85
N LEU A 788 -44.65 5.91 5.12
CA LEU A 788 -45.10 5.51 6.45
C LEU A 788 -46.06 4.33 6.40
N PHE A 789 -46.02 3.54 5.33
CA PHE A 789 -46.87 2.35 5.22
C PHE A 789 -46.44 1.26 6.20
N LEU A 790 -45.13 1.14 6.47
CA LEU A 790 -44.68 0.16 7.46
C LEU A 790 -45.25 0.48 8.83
N CYS A 791 -45.43 1.76 9.14
CA CYS A 791 -46.10 2.14 10.38
C CYS A 791 -47.56 1.73 10.37
N LEU A 792 -48.23 1.87 9.22
CA LEU A 792 -49.59 1.31 9.09
C LEU A 792 -49.61 -0.18 9.37
N LEU A 793 -48.69 -0.93 8.76
CA LEU A 793 -48.63 -2.36 9.04
C LEU A 793 -48.48 -2.60 10.53
N TRP A 794 -47.50 -1.94 11.15
CA TRP A 794 -47.24 -2.12 12.57
C TRP A 794 -48.48 -1.84 13.41
N LYS A 795 -49.19 -0.75 13.11
CA LYS A 795 -50.40 -0.43 13.86
C LYS A 795 -51.49 -1.46 13.61
N MET A 796 -51.59 -2.07 12.44
CA MET A 796 -52.70 -3.07 12.26
C MET A 796 -52.39 -4.33 13.07
N LEU A 797 -51.12 -4.65 13.24
CA LEU A 797 -50.71 -5.89 13.95
C LEU A 797 -50.76 -5.72 15.46
N LEU A 798 -50.93 -4.51 15.99
CA LEU A 798 -51.05 -4.39 17.46
C LEU A 798 -52.48 -4.06 17.79
N GLU A 799 -53.26 -3.72 16.77
CA GLU A 799 -54.70 -3.48 17.03
C GLU A 799 -55.53 -4.73 16.69
N THR A 800 -55.18 -5.46 15.64
CA THR A 800 -56.02 -6.57 15.22
C THR A 800 -55.26 -7.86 14.96
N ASP A 801 -53.94 -7.80 14.76
CA ASP A 801 -53.09 -8.98 14.57
C ASP A 801 -53.50 -9.78 13.33
N HIS A 802 -53.75 -9.05 12.24
CA HIS A 802 -53.98 -9.67 10.94
C HIS A 802 -53.84 -8.61 9.87
N ILE A 803 -53.44 -9.04 8.67
CA ILE A 803 -53.22 -8.17 7.53
C ILE A 803 -54.09 -8.64 6.38
N ASN A 804 -54.81 -7.71 5.75
CA ASN A 804 -55.70 -8.04 4.65
C ASN A 804 -54.91 -8.23 3.36
N GLN A 805 -55.62 -8.66 2.31
CA GLN A 805 -54.99 -8.82 1.00
C GLN A 805 -54.58 -7.48 0.41
N ILE A 806 -55.27 -6.40 0.78
CA ILE A 806 -54.95 -5.08 0.26
C ILE A 806 -53.55 -4.68 0.68
N GLY A 807 -53.17 -4.99 1.93
CA GLY A 807 -51.82 -4.67 2.38
C GLY A 807 -50.75 -5.38 1.57
N TYR A 808 -50.98 -6.65 1.24
CA TYR A 808 -50.04 -7.38 0.39
C TYR A 808 -49.95 -6.76 -1.00
N ARG A 809 -51.10 -6.36 -1.57
CA ARG A 809 -51.09 -5.75 -2.89
C ARG A 809 -50.33 -4.44 -2.88
N VAL A 810 -50.49 -3.63 -1.82
CA VAL A 810 -49.75 -2.38 -1.73
C VAL A 810 -48.26 -2.64 -1.66
N LEU A 811 -47.84 -3.54 -0.76
CA LEU A 811 -46.43 -3.89 -0.65
C LEU A 811 -45.85 -4.37 -1.98
N GLU A 812 -46.65 -5.11 -2.75
CA GLU A 812 -46.18 -5.59 -4.05
C GLU A 812 -45.95 -4.43 -5.00
N ARG A 813 -46.81 -3.41 -4.95
CA ARG A 813 -46.74 -2.30 -5.88
C ARG A 813 -45.81 -1.16 -5.43
N ILE A 814 -45.40 -1.13 -4.16
CA ILE A 814 -44.50 -0.06 -3.71
C ILE A 814 -43.16 -0.16 -4.42
N GLY A 815 -42.59 -1.35 -4.48
CA GLY A 815 -41.30 -1.53 -5.10
C GLY A 815 -40.18 -1.60 -4.09
N ALA A 816 -39.13 -2.34 -4.44
CA ALA A 816 -38.01 -2.54 -3.52
C ALA A 816 -37.25 -1.24 -3.28
N ARG A 817 -37.03 -0.46 -4.34
CA ARG A 817 -36.29 0.79 -4.19
C ARG A 817 -37.08 1.85 -3.43
N ALA A 818 -38.39 1.67 -3.28
CA ALA A 818 -39.22 2.61 -2.53
C ALA A 818 -39.49 2.17 -1.09
N LEU A 819 -39.34 0.88 -0.79
CA LEU A 819 -39.57 0.40 0.56
C LEU A 819 -38.46 0.81 1.52
N VAL A 820 -37.29 1.19 1.01
CA VAL A 820 -36.18 1.58 1.88
C VAL A 820 -36.53 2.82 2.68
N ALA A 821 -37.16 3.81 2.04
CA ALA A 821 -37.58 5.01 2.75
C ALA A 821 -38.61 4.68 3.84
N HIS A 822 -39.51 3.73 3.55
CA HIS A 822 -40.48 3.31 4.55
C HIS A 822 -39.79 2.66 5.75
N VAL A 823 -38.76 1.85 5.50
CA VAL A 823 -38.01 1.25 6.60
C VAL A 823 -37.29 2.34 7.40
N ARG A 824 -36.75 3.34 6.71
CA ARG A 824 -36.05 4.42 7.38
C ARG A 824 -36.97 5.18 8.33
N THR A 825 -38.18 5.51 7.86
CA THR A 825 -39.13 6.20 8.72
C THR A 825 -39.67 5.27 9.81
N PHE A 826 -39.81 3.98 9.50
CA PHE A 826 -40.28 3.02 10.50
C PHE A 826 -39.32 2.92 11.67
N ALA A 827 -38.01 3.03 11.43
CA ALA A 827 -37.04 2.97 12.51
C ALA A 827 -37.21 4.12 13.49
N ASP A 828 -37.42 5.34 12.98
CA ASP A 828 -37.62 6.49 13.86
C ASP A 828 -38.96 6.40 14.59
N PHE A 829 -40.02 6.05 13.86
CA PHE A 829 -41.30 5.78 14.50
C PHE A 829 -41.16 4.70 15.56
N LEU A 830 -40.39 3.65 15.26
CA LEU A 830 -40.27 2.54 16.18
C LEU A 830 -39.55 2.98 17.46
N VAL A 831 -38.49 3.79 17.32
CA VAL A 831 -37.75 4.27 18.48
C VAL A 831 -38.63 5.17 19.34
N TYR A 832 -39.36 6.09 18.71
CA TYR A 832 -40.20 7.01 19.47
C TYR A 832 -41.27 6.27 20.26
N GLU A 833 -41.83 5.20 19.69
CA GLU A 833 -42.90 4.48 20.38
C GLU A 833 -42.40 3.74 21.61
N PHE A 834 -41.24 3.07 21.53
CA PHE A 834 -40.70 2.43 22.74
C PHE A 834 -40.33 3.47 23.80
N SER A 835 -39.78 4.61 23.38
CA SER A 835 -39.38 5.62 24.36
C SER A 835 -40.57 6.10 25.16
N THR A 836 -41.70 6.36 24.49
CA THR A 836 -42.96 6.68 25.17
C THR A 836 -43.86 5.45 25.14
N SER A 837 -43.56 4.52 26.05
CA SER A 837 -44.38 3.33 26.26
C SER A 837 -43.99 2.70 27.58
N ALA A 838 -44.98 2.19 28.30
CA ALA A 838 -44.71 1.49 29.55
C ALA A 838 -43.96 0.20 29.28
N GLY A 839 -42.96 -0.08 30.10
CA GLY A 839 -42.16 -1.28 29.93
C GLY A 839 -42.83 -2.52 30.49
N GLY A 840 -42.18 -3.66 30.26
CA GLY A 840 -42.68 -4.92 30.76
C GLY A 840 -43.46 -5.72 29.73
N GLN A 841 -44.76 -5.90 30.00
CA GLN A 841 -45.59 -6.68 29.08
C GLN A 841 -45.69 -6.02 27.72
N GLN A 842 -45.84 -4.70 27.69
CA GLN A 842 -45.91 -3.98 26.42
C GLN A 842 -44.59 -4.11 25.65
N LEU A 843 -43.46 -4.03 26.36
CA LEU A 843 -42.16 -4.20 25.72
C LEU A 843 -42.03 -5.60 25.13
N ASN A 844 -42.44 -6.62 25.88
CA ASN A 844 -42.37 -7.99 25.38
C ASN A 844 -43.29 -8.19 24.19
N LYS A 845 -44.49 -7.61 24.23
CA LYS A 845 -45.41 -7.72 23.10
C LYS A 845 -44.85 -7.03 21.86
N CYS A 846 -44.29 -5.82 22.04
CA CYS A 846 -43.82 -5.06 20.89
C CYS A 846 -42.53 -5.62 20.29
N ILE A 847 -41.76 -6.41 21.05
CA ILE A 847 -40.61 -7.07 20.44
C ILE A 847 -41.03 -8.37 19.78
N GLU A 848 -42.10 -9.01 20.29
CA GLU A 848 -42.65 -10.18 19.61
C GLU A 848 -43.25 -9.81 18.27
N ILE A 849 -43.93 -8.65 18.20
CA ILE A 849 -44.48 -8.19 16.93
C ILE A 849 -43.37 -7.96 15.91
N LEU A 850 -42.28 -7.32 16.33
CA LEU A 850 -41.17 -7.09 15.41
C LEU A 850 -40.54 -8.40 14.96
N ASN A 851 -40.43 -9.37 15.87
CA ASN A 851 -39.90 -10.67 15.49
C ASN A 851 -40.79 -11.35 14.47
N ASP A 852 -42.11 -11.26 14.64
CA ASP A 852 -43.03 -11.81 13.65
C ASP A 852 -42.93 -11.10 12.31
N MET A 853 -42.81 -9.76 12.35
CA MET A 853 -42.72 -9.00 11.11
C MET A 853 -41.45 -9.30 10.34
N VAL A 854 -40.39 -9.72 11.02
CA VAL A 854 -39.12 -10.01 10.37
C VAL A 854 -39.10 -11.44 9.83
N TRP A 855 -39.48 -12.42 10.64
CA TRP A 855 -39.34 -13.83 10.29
C TRP A 855 -40.65 -14.46 9.82
N LYS A 856 -41.74 -14.27 10.56
CA LYS A 856 -42.98 -14.96 10.24
C LYS A 856 -43.64 -14.38 8.99
N TYR A 857 -43.65 -13.06 8.86
CA TYR A 857 -44.34 -12.41 7.74
C TYR A 857 -43.43 -12.06 6.58
N ASN A 858 -42.11 -12.00 6.80
CA ASN A 858 -41.13 -11.74 5.75
C ASN A 858 -41.43 -10.41 5.04
N ILE A 859 -41.57 -9.35 5.83
CA ILE A 859 -41.80 -8.02 5.28
C ILE A 859 -40.48 -7.32 4.96
N VAL A 860 -39.56 -7.31 5.91
CA VAL A 860 -38.24 -6.72 5.73
C VAL A 860 -37.20 -7.71 6.26
N THR A 861 -35.98 -7.62 5.71
CA THR A 861 -34.91 -8.50 6.13
C THR A 861 -34.25 -7.98 7.41
N LEU A 862 -33.70 -8.91 8.20
CA LEU A 862 -33.11 -8.53 9.48
C LEU A 862 -31.89 -7.63 9.29
N ASP A 863 -31.05 -7.93 8.28
CA ASP A 863 -29.85 -7.13 8.08
C ASP A 863 -30.18 -5.68 7.70
N ARG A 864 -31.14 -5.49 6.81
CA ARG A 864 -31.52 -4.13 6.41
C ARG A 864 -32.17 -3.38 7.57
N LEU A 865 -33.03 -4.06 8.33
CA LEU A 865 -33.69 -3.41 9.46
C LEU A 865 -32.67 -2.96 10.51
N ILE A 866 -31.70 -3.81 10.83
CA ILE A 866 -30.71 -3.46 11.84
C ILE A 866 -29.79 -2.36 11.33
N LEU A 867 -29.44 -2.41 10.03
CA LEU A 867 -28.61 -1.35 9.45
C LEU A 867 -29.32 0.00 9.51
N CYS A 868 -30.61 0.03 9.17
CA CYS A 868 -31.37 1.28 9.24
C CYS A 868 -31.48 1.77 10.67
N LEU A 869 -31.65 0.84 11.63
CA LEU A 869 -31.69 1.22 13.04
C LEU A 869 -30.36 1.82 13.49
N ALA A 870 -29.24 1.24 13.05
CA ALA A 870 -27.93 1.68 13.49
C ALA A 870 -27.46 2.96 12.80
N MET A 871 -28.10 3.35 11.70
CA MET A 871 -27.70 4.53 10.93
C MET A 871 -28.65 5.70 11.18
N ARG A 872 -29.12 5.87 12.40
CA ARG A 872 -30.00 6.98 12.75
C ARG A 872 -29.21 8.08 13.44
N SER A 873 -29.92 9.13 13.86
CA SER A 873 -29.30 10.33 14.42
C SER A 873 -30.00 10.75 15.71
N HIS A 874 -30.22 9.79 16.61
CA HIS A 874 -30.84 10.07 17.89
C HIS A 874 -29.79 10.39 18.95
N GLU A 875 -30.23 10.99 20.04
CA GLU A 875 -29.36 11.48 21.10
C GLU A 875 -29.79 10.94 22.45
N GLY A 876 -28.81 10.53 23.26
CA GLY A 876 -29.03 10.17 24.64
C GLY A 876 -29.93 8.97 24.86
N ASN A 877 -31.05 9.18 25.56
CA ASN A 877 -31.96 8.09 25.86
C ASN A 877 -32.54 7.47 24.59
N GLU A 878 -32.80 8.31 23.58
CA GLU A 878 -33.29 7.79 22.30
C GLU A 878 -32.26 6.86 21.66
N ALA A 879 -30.98 7.23 21.74
CA ALA A 879 -29.93 6.34 21.23
C ALA A 879 -29.86 5.05 22.04
N GLN A 880 -30.04 5.15 23.37
CA GLN A 880 -29.97 3.96 24.21
C GLN A 880 -31.09 2.98 23.88
N VAL A 881 -32.32 3.47 23.71
CA VAL A 881 -33.43 2.58 23.37
C VAL A 881 -33.29 2.07 21.95
N CYS A 882 -32.68 2.87 21.06
CA CYS A 882 -32.48 2.40 19.69
C CYS A 882 -31.54 1.21 19.65
N TYR A 883 -30.46 1.25 20.44
CA TYR A 883 -29.54 0.12 20.51
C TYR A 883 -30.10 -1.03 21.32
N PHE A 884 -30.97 -0.74 22.30
CA PHE A 884 -31.64 -1.81 23.03
C PHE A 884 -32.58 -2.59 22.13
N ILE A 885 -33.18 -1.93 21.13
CA ILE A 885 -34.01 -2.64 20.16
C ILE A 885 -33.17 -3.64 19.38
N ILE A 886 -31.98 -3.23 18.95
CA ILE A 886 -31.08 -4.14 18.24
C ILE A 886 -30.68 -5.29 19.14
N GLN A 887 -30.40 -5.01 20.42
CA GLN A 887 -30.07 -6.05 21.38
C GLN A 887 -31.18 -7.09 21.47
N LEU A 888 -32.42 -6.63 21.68
CA LEU A 888 -33.53 -7.55 21.87
C LEU A 888 -33.83 -8.36 20.61
N LEU A 889 -33.78 -7.72 19.45
CA LEU A 889 -34.10 -8.41 18.21
C LEU A 889 -33.07 -9.50 17.91
N LEU A 890 -31.80 -9.25 18.23
CA LEU A 890 -30.74 -10.20 17.92
C LEU A 890 -30.71 -11.40 18.87
N LEU A 891 -31.08 -11.21 20.14
CA LEU A 891 -30.86 -12.23 21.16
C LEU A 891 -32.13 -12.84 21.71
N LYS A 892 -33.18 -12.05 21.95
CA LYS A 892 -34.39 -12.60 22.58
C LYS A 892 -35.04 -13.71 21.75
N PRO A 893 -35.24 -13.57 20.44
CA PRO A 893 -35.77 -14.69 19.66
C PRO A 893 -34.72 -15.78 19.49
N ASN A 894 -35.22 -16.99 19.19
CA ASN A 894 -34.37 -18.14 18.97
C ASN A 894 -34.01 -18.36 17.50
N ASP A 895 -34.56 -17.58 16.59
CA ASP A 895 -34.39 -17.86 15.17
C ASP A 895 -32.96 -17.63 14.71
N PHE A 896 -32.46 -16.40 14.90
CA PHE A 896 -31.11 -16.08 14.44
C PHE A 896 -30.06 -16.89 15.20
N ARG A 897 -30.27 -17.09 16.51
CA ARG A 897 -29.32 -17.85 17.29
C ARG A 897 -29.21 -19.30 16.79
N ASN A 898 -30.35 -19.93 16.48
CA ASN A 898 -30.32 -21.29 15.96
C ASN A 898 -29.66 -21.34 14.59
N ARG A 899 -29.95 -20.36 13.72
CA ARG A 899 -29.36 -20.34 12.39
C ARG A 899 -27.85 -20.20 12.46
N VAL A 900 -27.36 -19.27 13.30
CA VAL A 900 -25.92 -19.08 13.43
C VAL A 900 -25.27 -20.31 14.05
N SER A 901 -25.90 -20.89 15.09
CA SER A 901 -25.33 -22.06 15.73
C SER A 901 -25.21 -23.23 14.76
N ASP A 902 -26.23 -23.45 13.94
CA ASP A 902 -26.17 -24.54 12.97
C ASP A 902 -25.09 -24.28 11.92
N PHE A 903 -25.07 -23.07 11.35
CA PHE A 903 -24.13 -22.76 10.28
C PHE A 903 -22.69 -22.89 10.76
N VAL A 904 -22.39 -22.35 11.95
CA VAL A 904 -21.04 -22.40 12.47
C VAL A 904 -20.63 -23.85 12.77
N LYS A 905 -21.58 -24.65 13.27
CA LYS A 905 -21.26 -26.01 13.68
C LYS A 905 -20.91 -26.89 12.48
N GLU A 906 -21.63 -26.77 11.37
CA GLU A 906 -21.52 -27.70 10.26
C GLU A 906 -20.85 -27.11 9.03
N ASN A 907 -20.30 -25.90 9.10
CA ASN A 907 -19.58 -25.32 7.98
C ASN A 907 -18.17 -24.92 8.39
N SER A 908 -17.31 -24.76 7.38
CA SER A 908 -15.93 -24.34 7.50
C SER A 908 -15.65 -23.20 6.54
N PRO A 909 -14.74 -22.29 6.90
CA PRO A 909 -14.49 -21.13 6.02
C PRO A 909 -13.56 -21.41 4.85
N GLU A 910 -12.74 -22.45 4.92
CA GLU A 910 -11.79 -22.73 3.84
C GLU A 910 -12.51 -23.31 2.63
N HIS A 911 -13.02 -22.44 1.76
CA HIS A 911 -13.78 -22.88 0.60
C HIS A 911 -12.90 -23.39 -0.54
N TRP A 912 -11.61 -23.09 -0.53
CA TRP A 912 -10.73 -23.52 -1.61
C TRP A 912 -10.23 -24.94 -1.44
N LEU A 913 -10.54 -25.60 -0.31
CA LEU A 913 -10.15 -26.98 -0.08
C LEU A 913 -11.34 -27.92 0.01
N GLN A 914 -12.56 -27.43 -0.19
CA GLN A 914 -13.77 -28.22 -0.04
C GLN A 914 -14.24 -28.75 -1.39
N ASN A 915 -15.04 -29.82 -1.32
CA ASN A 915 -15.65 -30.40 -2.51
C ASN A 915 -17.13 -30.71 -2.34
N ASP A 916 -17.70 -30.52 -1.15
CA ASP A 916 -19.11 -30.78 -0.90
C ASP A 916 -19.82 -29.52 -0.41
N TRP A 917 -19.35 -28.35 -0.86
CA TRP A 917 -19.95 -27.10 -0.42
C TRP A 917 -21.40 -26.99 -0.87
N HIS A 918 -21.70 -27.41 -2.10
CA HIS A 918 -23.08 -27.35 -2.58
C HIS A 918 -24.00 -28.23 -1.76
N THR A 919 -23.53 -29.42 -1.38
CA THR A 919 -24.34 -30.30 -0.53
C THR A 919 -24.62 -29.66 0.82
N LYS A 920 -23.59 -29.06 1.44
CA LYS A 920 -23.78 -28.37 2.71
C LYS A 920 -24.69 -27.15 2.54
N HIS A 921 -24.53 -26.43 1.42
CA HIS A 921 -25.39 -25.28 1.14
C HIS A 921 -26.85 -25.70 1.00
N MET A 922 -27.10 -26.81 0.30
CA MET A 922 -28.47 -27.30 0.14
C MET A 922 -29.04 -27.78 1.47
N ASN A 923 -28.21 -28.39 2.31
CA ASN A 923 -28.69 -28.86 3.61
C ASN A 923 -29.13 -27.69 4.48
N TYR A 924 -28.35 -26.61 4.50
CA TYR A 924 -28.71 -25.44 5.30
C TYR A 924 -29.98 -24.79 4.78
N HIS A 925 -30.09 -24.63 3.45
CA HIS A 925 -31.26 -23.95 2.89
C HIS A 925 -32.51 -24.80 3.00
N LYS A 926 -32.37 -26.12 3.00
CA LYS A 926 -33.52 -26.98 3.25
C LYS A 926 -33.99 -26.86 4.70
N LYS A 927 -33.05 -26.77 5.63
CA LYS A 927 -33.42 -26.61 7.04
C LYS A 927 -34.00 -25.23 7.31
N TYR A 928 -33.42 -24.18 6.71
CA TYR A 928 -33.84 -22.81 6.95
C TYR A 928 -34.10 -22.12 5.61
N PRO A 929 -35.29 -22.28 5.04
CA PRO A 929 -35.61 -21.59 3.78
C PRO A 929 -35.63 -20.09 3.94
N GLU A 930 -35.30 -19.40 2.86
CA GLU A 930 -35.26 -17.94 2.82
C GLU A 930 -36.33 -17.41 1.89
N LYS A 931 -37.10 -16.44 2.36
CA LYS A 931 -38.19 -15.84 1.60
C LYS A 931 -37.85 -14.39 1.28
N LEU A 932 -37.96 -14.01 0.01
CA LEU A 932 -37.62 -12.67 -0.43
C LEU A 932 -38.74 -11.99 -1.21
N TYR A 933 -39.94 -12.57 -1.22
CA TYR A 933 -41.06 -12.01 -1.98
C TYR A 933 -42.34 -12.02 -1.16
N PHE A 934 -42.21 -11.71 0.13
CA PHE A 934 -43.36 -11.65 1.05
C PHE A 934 -44.15 -12.96 1.04
N GLU A 935 -43.43 -14.08 1.03
CA GLU A 935 -44.09 -15.39 1.01
C GLU A 935 -44.92 -15.60 2.27
N GLY A 936 -44.39 -15.24 3.43
CA GLY A 936 -45.12 -15.43 4.66
C GLY A 936 -46.42 -14.65 4.70
N LEU A 937 -46.36 -13.37 4.31
CA LEU A 937 -47.58 -12.56 4.26
C LEU A 937 -48.55 -13.10 3.21
N ALA A 938 -48.03 -13.55 2.06
CA ALA A 938 -48.90 -14.07 1.01
C ALA A 938 -49.70 -15.27 1.50
N GLU A 939 -49.07 -16.16 2.26
CA GLU A 939 -49.78 -17.33 2.77
C GLU A 939 -50.74 -16.96 3.90
N GLN A 940 -50.36 -16.00 4.75
CA GLN A 940 -51.16 -15.69 5.93
C GLN A 940 -52.36 -14.79 5.63
N VAL A 941 -52.44 -14.19 4.44
CA VAL A 941 -53.65 -13.46 4.06
C VAL A 941 -54.82 -14.43 4.04
N ASP A 942 -55.96 -13.98 4.57
CA ASP A 942 -57.12 -14.86 4.74
C ASP A 942 -57.55 -15.55 3.44
N PRO A 943 -57.65 -14.88 2.29
CA PRO A 943 -57.64 -15.60 1.02
C PRO A 943 -56.21 -15.90 0.58
N PRO A 944 -55.79 -17.17 0.61
CA PRO A 944 -54.40 -17.49 0.28
C PRO A 944 -54.04 -17.14 -1.15
N VAL A 945 -53.16 -16.16 -1.33
CA VAL A 945 -52.70 -15.74 -2.65
C VAL A 945 -51.45 -16.54 -2.99
N GLN A 946 -51.28 -16.84 -4.28
CA GLN A 946 -50.17 -17.64 -4.76
C GLN A 946 -49.24 -16.77 -5.59
N ILE A 947 -47.94 -16.87 -5.33
CA ILE A 947 -46.91 -16.13 -6.05
C ILE A 947 -46.01 -17.13 -6.76
N GLN A 948 -45.77 -16.89 -8.05
CA GLN A 948 -44.98 -17.79 -8.88
C GLN A 948 -43.83 -17.02 -9.55
N SER A 949 -43.20 -16.12 -8.81
CA SER A 949 -42.05 -15.39 -9.34
C SER A 949 -40.82 -16.28 -9.31
N PRO A 950 -40.15 -16.49 -10.44
CA PRO A 950 -38.93 -17.34 -10.42
C PRO A 950 -37.87 -16.76 -9.50
N TYR A 951 -37.14 -17.66 -8.84
CA TYR A 951 -36.07 -17.27 -7.94
C TYR A 951 -34.73 -17.26 -8.67
N LEU A 952 -33.99 -16.17 -8.51
CA LEU A 952 -32.66 -16.09 -9.09
C LEU A 952 -31.73 -17.09 -8.42
N PRO A 953 -30.74 -17.63 -9.15
CA PRO A 953 -29.87 -18.65 -8.58
C PRO A 953 -29.10 -18.14 -7.38
N ILE A 954 -29.01 -18.97 -6.35
CA ILE A 954 -28.25 -18.68 -5.14
C ILE A 954 -27.24 -19.80 -4.94
N TYR A 955 -25.99 -19.44 -4.76
CA TYR A 955 -24.90 -20.42 -4.66
C TYR A 955 -24.18 -20.38 -3.33
N PHE A 956 -23.86 -19.20 -2.80
CA PHE A 956 -22.98 -19.09 -1.65
C PHE A 956 -23.64 -18.45 -0.43
N GLY A 957 -24.23 -17.27 -0.59
CA GLY A 957 -24.59 -16.46 0.55
C GLY A 957 -25.86 -16.90 1.27
N ASN A 958 -26.05 -16.30 2.45
CA ASN A 958 -27.25 -16.50 3.26
C ASN A 958 -27.36 -15.31 4.21
N VAL A 959 -28.31 -15.39 5.14
CA VAL A 959 -28.54 -14.28 6.06
C VAL A 959 -27.38 -14.12 7.03
N CYS A 960 -26.79 -15.24 7.48
CA CYS A 960 -25.68 -15.17 8.42
C CYS A 960 -24.48 -14.47 7.81
N LEU A 961 -24.17 -14.75 6.54
CA LEU A 961 -23.05 -14.10 5.88
C LEU A 961 -23.36 -12.65 5.52
N ARG A 962 -24.65 -12.34 5.27
CA ARG A 962 -25.03 -10.98 4.91
C ARG A 962 -25.03 -10.06 6.13
N PHE A 963 -25.31 -10.59 7.32
CA PHE A 963 -25.40 -9.77 8.53
C PHE A 963 -24.05 -9.26 9.01
N LEU A 964 -22.94 -9.82 8.50
CA LEU A 964 -21.63 -9.55 9.08
C LEU A 964 -21.21 -8.08 9.03
N PRO A 965 -21.26 -7.38 7.88
CA PRO A 965 -20.91 -5.96 7.90
C PRO A 965 -21.81 -5.12 8.79
N VAL A 966 -23.08 -5.47 8.89
CA VAL A 966 -23.99 -4.75 9.79
C VAL A 966 -23.56 -4.96 11.23
N PHE A 967 -23.07 -6.16 11.56
CA PHE A 967 -22.65 -6.45 12.93
C PHE A 967 -21.39 -5.67 13.29
N ASP A 968 -20.51 -5.44 12.31
CA ASP A 968 -19.35 -4.59 12.56
C ASP A 968 -19.76 -3.16 12.85
N ILE A 969 -20.72 -2.63 12.09
CA ILE A 969 -21.21 -1.28 12.32
C ILE A 969 -21.90 -1.18 13.68
N VAL A 970 -22.66 -2.21 14.03
CA VAL A 970 -23.34 -2.22 15.33
C VAL A 970 -22.34 -2.19 16.47
N ILE A 971 -21.25 -2.96 16.35
CA ILE A 971 -20.21 -2.94 17.38
C ILE A 971 -19.63 -1.55 17.52
N HIS A 972 -19.36 -0.88 16.40
CA HIS A 972 -18.79 0.46 16.45
C HIS A 972 -19.72 1.44 17.15
N ARG A 973 -21.03 1.36 16.87
CA ARG A 973 -21.98 2.24 17.54
C ARG A 973 -22.09 1.92 19.02
N PHE A 974 -22.06 0.63 19.38
CA PHE A 974 -22.06 0.26 20.79
C PHE A 974 -20.82 0.77 21.51
N LEU A 975 -19.67 0.75 20.83
CA LEU A 975 -18.47 1.32 21.41
C LEU A 975 -18.61 2.84 21.59
N GLU A 976 -19.24 3.51 20.63
CA GLU A 976 -19.39 4.96 20.70
C GLU A 976 -20.24 5.38 21.90
N LEU A 977 -21.36 4.68 22.12
CA LEU A 977 -22.24 5.01 23.23
C LEU A 977 -21.72 4.36 24.51
N LEU A 978 -21.59 5.17 25.56
CA LEU A 978 -20.94 4.75 26.79
C LEU A 978 -21.82 3.88 27.69
N PRO A 979 -23.09 4.27 27.99
CA PRO A 979 -23.86 3.52 28.98
C PRO A 979 -24.37 2.17 28.50
N VAL A 980 -23.97 1.74 27.31
CA VAL A 980 -24.44 0.46 26.77
C VAL A 980 -23.27 -0.47 26.54
N SER A 981 -22.20 -0.30 27.34
CA SER A 981 -21.02 -1.14 27.18
C SER A 981 -21.29 -2.59 27.60
N LYS A 982 -22.17 -2.80 28.58
CA LYS A 982 -22.44 -4.15 29.06
C LYS A 982 -23.12 -5.00 27.98
N SER A 983 -23.90 -4.38 27.10
CA SER A 983 -24.59 -5.12 26.06
C SER A 983 -23.61 -5.76 25.08
N LEU A 984 -22.51 -5.07 24.78
CA LEU A 984 -21.55 -5.58 23.79
C LEU A 984 -20.94 -6.89 24.24
N GLU A 985 -20.66 -7.03 25.54
CA GLU A 985 -20.14 -8.29 26.06
C GLU A 985 -21.12 -9.43 25.81
N THR A 986 -22.40 -9.19 26.06
CA THR A 986 -23.42 -10.21 25.83
C THR A 986 -23.57 -10.50 24.34
N LEU A 987 -23.48 -9.45 23.50
CA LEU A 987 -23.54 -9.64 22.05
C LEU A 987 -22.39 -10.53 21.56
N LEU A 988 -21.17 -10.23 22.01
CA LEU A 988 -19.99 -10.97 21.55
C LEU A 988 -20.03 -12.42 22.04
N ASP A 989 -20.51 -12.64 23.26
CA ASP A 989 -20.53 -13.98 23.82
C ASP A 989 -21.47 -14.89 23.03
N HIS A 990 -22.63 -14.37 22.64
CA HIS A 990 -23.64 -15.22 21.99
C HIS A 990 -23.42 -15.34 20.49
N LEU A 991 -22.95 -14.28 19.83
CA LEU A 991 -22.80 -14.28 18.37
C LEU A 991 -21.36 -14.10 17.93
N GLY A 992 -20.39 -14.46 18.78
CA GLY A 992 -19.00 -14.31 18.42
C GLY A 992 -18.49 -15.34 17.43
N GLY A 993 -19.16 -16.49 17.33
CA GLY A 993 -18.71 -17.53 16.42
C GLY A 993 -18.90 -17.19 14.95
N LEU A 994 -19.73 -16.19 14.65
CA LEU A 994 -19.97 -15.81 13.26
C LEU A 994 -18.74 -15.17 12.62
N TYR A 995 -17.77 -14.72 13.41
CA TYR A 995 -16.55 -14.18 12.83
C TYR A 995 -15.63 -15.24 12.25
N LYS A 996 -15.98 -16.52 12.39
CA LYS A 996 -15.20 -17.56 11.74
C LYS A 996 -15.26 -17.42 10.22
N PHE A 997 -16.29 -16.78 9.70
CA PHE A 997 -16.47 -16.59 8.27
C PHE A 997 -16.14 -15.17 7.83
N HIS A 998 -15.61 -14.34 8.72
CA HIS A 998 -15.21 -12.99 8.37
C HIS A 998 -14.02 -13.02 7.42
N ASP A 999 -13.91 -11.96 6.61
CA ASP A 999 -12.85 -11.89 5.60
C ASP A 999 -11.61 -11.18 6.12
N ARG A 1000 -11.77 -10.14 6.94
CA ARG A 1000 -10.65 -9.35 7.45
C ARG A 1000 -10.82 -9.14 8.96
N PRO A 1001 -10.74 -10.21 9.75
CA PRO A 1001 -10.94 -10.02 11.20
C PRO A 1001 -9.80 -9.29 11.89
N VAL A 1002 -8.55 -9.62 11.55
CA VAL A 1002 -7.41 -8.94 12.18
C VAL A 1002 -7.38 -7.47 11.79
N THR A 1003 -7.64 -7.17 10.51
CA THR A 1003 -7.67 -5.78 10.08
C THR A 1003 -8.80 -5.01 10.75
N TYR A 1004 -9.96 -5.66 10.92
CA TYR A 1004 -11.06 -5.01 11.61
C TYR A 1004 -10.71 -4.71 13.06
N LEU A 1005 -10.04 -5.65 13.74
CA LEU A 1005 -9.62 -5.42 15.11
C LEU A 1005 -8.60 -4.28 15.18
N TYR A 1006 -7.67 -4.23 14.24
CA TYR A 1006 -6.67 -3.16 14.22
C TYR A 1006 -7.33 -1.79 14.04
N ASN A 1007 -8.28 -1.70 13.09
CA ASN A 1007 -8.95 -0.43 12.85
C ASN A 1007 -9.81 -0.02 14.04
N THR A 1008 -10.51 -0.99 14.65
CA THR A 1008 -11.39 -0.67 15.77
C THR A 1008 -10.60 -0.17 16.97
N LEU A 1009 -9.47 -0.81 17.28
CA LEU A 1009 -8.68 -0.41 18.43
C LEU A 1009 -7.96 0.90 18.17
N HIS A 1010 -7.47 1.11 16.94
CA HIS A 1010 -6.78 2.35 16.60
C HIS A 1010 -7.74 3.54 16.63
N TYR A 1011 -8.97 3.35 16.16
CA TYR A 1011 -9.90 4.46 16.06
C TYR A 1011 -10.45 4.87 17.43
N TYR A 1012 -10.66 3.91 18.32
CA TYR A 1012 -11.33 4.14 19.60
C TYR A 1012 -10.37 3.98 20.78
N GLU A 1013 -9.12 4.42 20.61
CA GLU A 1013 -8.14 4.30 21.68
C GLU A 1013 -8.53 5.17 22.87
N MET A 1014 -9.01 6.39 22.61
CA MET A 1014 -9.36 7.30 23.70
C MET A 1014 -10.52 6.75 24.53
N HIS A 1015 -11.52 6.18 23.87
CA HIS A 1015 -12.69 5.67 24.59
C HIS A 1015 -12.40 4.35 25.30
N LEU A 1016 -11.53 3.51 24.74
CA LEU A 1016 -11.16 2.24 25.35
C LEU A 1016 -9.96 2.37 26.28
N ARG A 1017 -9.48 3.60 26.53
CA ARG A 1017 -8.32 3.79 27.39
C ARG A 1017 -8.61 3.33 28.81
N ASP A 1018 -9.78 3.66 29.34
CA ASP A 1018 -10.15 3.33 30.71
C ASP A 1018 -10.97 2.05 30.81
N ARG A 1019 -11.21 1.35 29.70
CA ARG A 1019 -11.99 0.12 29.69
C ARG A 1019 -11.13 -0.98 29.06
N ALA A 1020 -10.35 -1.66 29.88
CA ALA A 1020 -9.50 -2.75 29.41
C ALA A 1020 -10.24 -4.08 29.33
N PHE A 1021 -11.23 -4.30 30.20
CA PHE A 1021 -11.98 -5.56 30.17
C PHE A 1021 -12.76 -5.69 28.86
N LEU A 1022 -13.40 -4.62 28.42
CA LEU A 1022 -14.13 -4.66 27.15
C LEU A 1022 -13.18 -4.89 25.98
N LYS A 1023 -12.01 -4.25 26.01
CA LYS A 1023 -11.03 -4.43 24.94
C LYS A 1023 -10.54 -5.87 24.87
N ARG A 1024 -10.24 -6.47 26.03
CA ARG A 1024 -9.81 -7.86 26.06
C ARG A 1024 -10.92 -8.80 25.61
N LYS A 1025 -12.16 -8.52 26.03
CA LYS A 1025 -13.29 -9.35 25.62
C LYS A 1025 -13.48 -9.31 24.10
N LEU A 1026 -13.38 -8.12 23.51
CA LEU A 1026 -13.54 -7.99 22.06
C LEU A 1026 -12.44 -8.72 21.31
N VAL A 1027 -11.20 -8.59 21.77
CA VAL A 1027 -10.08 -9.24 21.08
C VAL A 1027 -10.18 -10.76 21.19
N HIS A 1028 -10.49 -11.27 22.39
CA HIS A 1028 -10.60 -12.70 22.57
C HIS A 1028 -11.75 -13.29 21.77
N ALA A 1029 -12.90 -12.61 21.76
CA ALA A 1029 -14.05 -13.13 21.04
C ALA A 1029 -13.80 -13.22 19.55
N ILE A 1030 -13.19 -12.18 18.97
CA ILE A 1030 -12.93 -12.18 17.53
C ILE A 1030 -11.82 -13.17 17.19
N ILE A 1031 -10.76 -13.21 17.98
CA ILE A 1031 -9.59 -14.03 17.63
C ILE A 1031 -9.86 -15.50 17.96
N GLY A 1032 -10.27 -15.79 19.20
CA GLY A 1032 -10.46 -17.16 19.63
C GLY A 1032 -11.56 -17.90 18.92
N SER A 1033 -12.44 -17.20 18.20
CA SER A 1033 -13.49 -17.86 17.46
C SER A 1033 -12.98 -18.58 16.22
N LEU A 1034 -11.70 -18.42 15.85
CA LEU A 1034 -11.15 -19.11 14.71
C LEU A 1034 -9.98 -20.01 15.11
N LYS A 1035 -9.87 -20.31 16.41
CA LYS A 1035 -8.75 -21.09 16.92
C LYS A 1035 -8.77 -22.54 16.46
N ASP A 1036 -9.93 -23.07 16.10
CA ASP A 1036 -10.03 -24.45 15.63
C ASP A 1036 -9.74 -24.59 14.15
N ASN A 1037 -9.42 -23.49 13.45
CA ASN A 1037 -9.21 -23.52 12.02
C ASN A 1037 -7.84 -23.01 11.56
N ARG A 1038 -7.01 -22.50 12.46
CA ARG A 1038 -5.66 -22.10 12.12
C ARG A 1038 -4.66 -22.73 13.07
N PRO A 1039 -3.40 -22.83 12.67
CA PRO A 1039 -2.38 -23.41 13.56
C PRO A 1039 -2.16 -22.55 14.80
N GLN A 1040 -1.69 -23.20 15.86
CA GLN A 1040 -1.43 -22.52 17.12
C GLN A 1040 -0.35 -21.48 16.97
N GLY A 1041 -0.49 -20.38 17.71
CA GLY A 1041 0.50 -19.32 17.66
C GLY A 1041 0.47 -18.47 16.42
N TRP A 1042 -0.66 -18.44 15.71
CA TRP A 1042 -0.73 -17.67 14.48
C TRP A 1042 -0.82 -16.17 14.76
N CYS A 1043 -1.55 -15.78 15.81
CA CYS A 1043 -1.78 -14.37 16.09
C CYS A 1043 -1.15 -13.91 17.40
N LEU A 1044 -1.45 -14.57 18.50
CA LEU A 1044 -1.01 -14.13 19.82
C LEU A 1044 0.17 -14.96 20.31
N SER A 1045 1.01 -14.33 21.12
CA SER A 1045 2.22 -14.97 21.64
C SER A 1045 1.88 -15.94 22.77
N ASP A 1046 2.85 -16.82 23.07
CA ASP A 1046 2.64 -17.80 24.14
C ASP A 1046 2.53 -17.13 25.50
N THR A 1047 3.26 -16.03 25.70
CA THR A 1047 3.20 -15.32 26.98
C THR A 1047 1.81 -14.74 27.22
N TYR A 1048 1.18 -14.22 26.16
CA TYR A 1048 -0.16 -13.65 26.30
C TYR A 1048 -1.18 -14.71 26.73
N LEU A 1049 -1.10 -15.90 26.13
CA LEU A 1049 -2.06 -16.95 26.47
C LEU A 1049 -1.87 -17.49 27.88
N LYS A 1050 -0.72 -17.27 28.49
CA LYS A 1050 -0.46 -17.75 29.84
C LYS A 1050 -0.61 -16.65 30.89
N CYS A 1051 -0.51 -15.38 30.51
CA CYS A 1051 -0.58 -14.27 31.45
C CYS A 1051 -1.92 -13.54 31.41
N ALA A 1052 -2.52 -13.38 30.23
CA ALA A 1052 -3.78 -12.67 30.11
C ALA A 1052 -4.96 -13.64 30.09
N TRP A 1061 -1.46 -7.49 35.66
CA TRP A 1061 -0.22 -8.00 35.09
C TRP A 1061 0.53 -6.93 34.32
N VAL A 1062 1.78 -6.68 34.70
CA VAL A 1062 2.63 -5.70 34.06
C VAL A 1062 3.68 -6.45 33.24
N PRO A 1063 3.67 -6.38 31.92
CA PRO A 1063 4.69 -7.06 31.12
C PRO A 1063 6.08 -6.51 31.41
N ASP A 1064 7.07 -7.40 31.33
CA ASP A 1064 8.44 -7.05 31.61
C ASP A 1064 9.21 -6.85 30.30
N ASP A 1065 10.52 -6.64 30.41
CA ASP A 1065 11.33 -6.36 29.23
C ASP A 1065 11.43 -7.55 28.30
N THR A 1066 11.41 -8.77 28.84
CA THR A 1066 11.52 -9.96 27.99
C THR A 1066 10.31 -10.08 27.07
N TYR A 1067 9.13 -9.67 27.54
CA TYR A 1067 7.93 -9.75 26.72
C TYR A 1067 8.06 -8.88 25.48
N TYR A 1068 8.54 -7.65 25.63
CA TYR A 1068 8.70 -6.76 24.47
C TYR A 1068 9.84 -7.21 23.57
N CYS A 1069 10.91 -7.76 24.15
CA CYS A 1069 12.02 -8.25 23.34
C CYS A 1069 11.58 -9.39 22.42
N ARG A 1070 10.81 -10.33 22.96
CA ARG A 1070 10.32 -11.43 22.13
C ARG A 1070 9.29 -10.95 21.11
N LEU A 1071 8.46 -9.97 21.49
CA LEU A 1071 7.47 -9.45 20.57
C LEU A 1071 8.13 -8.78 19.36
N ILE A 1072 9.16 -7.97 19.60
CA ILE A 1072 9.88 -7.34 18.50
C ILE A 1072 10.68 -8.38 17.72
N GLY A 1073 11.27 -9.35 18.43
CA GLY A 1073 12.05 -10.37 17.77
C GLY A 1073 11.26 -11.21 16.78
N ARG A 1074 9.96 -11.40 17.05
CA ARG A 1074 9.11 -12.15 16.12
C ARG A 1074 9.05 -11.46 14.76
N LEU A 1075 8.87 -10.14 14.76
CA LEU A 1075 8.83 -9.40 13.51
C LEU A 1075 10.21 -9.35 12.86
N VAL A 1076 11.27 -9.26 13.67
CA VAL A 1076 12.62 -9.21 13.12
C VAL A 1076 12.95 -10.51 12.39
N ASP A 1077 12.61 -11.65 13.00
CA ASP A 1077 12.87 -12.93 12.35
C ASP A 1077 11.96 -13.15 11.15
N THR A 1078 10.72 -12.67 11.21
CA THR A 1078 9.82 -12.80 10.05
C THR A 1078 10.35 -12.03 8.86
N MET A 1079 10.85 -10.81 9.08
CA MET A 1079 11.40 -10.02 7.99
C MET A 1079 12.72 -10.61 7.49
N ALA A 1080 13.54 -11.14 8.42
CA ALA A 1080 14.79 -11.75 8.01
C ALA A 1080 14.57 -12.98 7.15
N GLY A 1081 13.60 -13.82 7.52
CA GLY A 1081 13.33 -15.04 6.78
C GLY A 1081 14.00 -16.24 7.39
N LYS A 1082 13.23 -17.10 8.05
CA LYS A 1082 13.76 -18.27 8.73
C LYS A 1082 12.96 -19.50 8.35
N SER A 1083 13.66 -20.64 8.28
CA SER A 1083 12.99 -21.88 7.90
C SER A 1083 11.91 -22.30 8.88
N PRO A 1084 12.14 -22.32 10.21
CA PRO A 1084 11.02 -22.64 11.12
C PRO A 1084 9.96 -21.56 11.11
N GLY A 1085 10.38 -20.30 11.28
CA GLY A 1085 9.48 -19.18 11.20
C GLY A 1085 8.71 -18.95 12.49
N PRO A 1086 8.69 -17.70 12.95
CA PRO A 1086 7.87 -17.37 14.13
C PRO A 1086 6.39 -17.61 13.91
N PHE A 1087 5.90 -17.47 12.67
CA PHE A 1087 4.51 -17.67 12.33
C PHE A 1087 4.37 -18.78 11.30
N PRO A 1088 3.28 -19.55 11.36
CA PRO A 1088 3.10 -20.64 10.40
C PRO A 1088 2.88 -20.12 8.99
N ASN A 1089 3.31 -20.91 8.02
CA ASN A 1089 3.12 -20.57 6.62
C ASN A 1089 1.66 -20.67 6.22
N CYS A 1090 1.25 -19.82 5.29
CA CYS A 1090 -0.14 -19.79 4.84
C CYS A 1090 -0.18 -19.46 3.35
N ASP A 1091 -1.29 -19.84 2.72
CA ASP A 1091 -1.52 -19.54 1.31
C ASP A 1091 -2.06 -18.11 1.23
N TRP A 1092 -1.17 -17.18 0.87
CA TRP A 1092 -1.52 -15.75 0.88
C TRP A 1092 -2.47 -15.36 -0.25
N ARG A 1093 -2.72 -16.24 -1.22
CA ARG A 1093 -3.70 -15.95 -2.25
C ARG A 1093 -5.11 -15.89 -1.68
N PHE A 1094 -5.37 -16.65 -0.61
CA PHE A 1094 -6.69 -16.72 0.01
C PHE A 1094 -6.69 -16.12 1.41
N ASN A 1095 -5.82 -15.14 1.64
CA ASN A 1095 -5.68 -14.52 2.96
C ASN A 1095 -5.81 -13.01 2.84
N GLU A 1096 -6.14 -12.37 3.96
CA GLU A 1096 -6.30 -10.93 3.99
C GLU A 1096 -4.97 -10.20 3.84
N PHE A 1097 -3.85 -10.87 4.13
CA PHE A 1097 -2.54 -10.25 4.04
C PHE A 1097 -1.74 -10.84 2.89
N PRO A 1098 -1.03 -10.01 2.11
CA PRO A 1098 -0.27 -10.53 0.96
C PRO A 1098 1.02 -11.21 1.37
N ASN A 1099 1.66 -10.75 2.43
CA ASN A 1099 2.97 -11.22 2.84
C ASN A 1099 2.99 -11.43 4.36
N PRO A 1100 3.90 -12.27 4.85
CA PRO A 1100 3.99 -12.50 6.31
C PRO A 1100 4.31 -11.24 7.10
N ALA A 1101 5.04 -10.29 6.51
CA ALA A 1101 5.45 -9.10 7.25
C ALA A 1101 4.25 -8.27 7.69
N ALA A 1102 3.27 -8.09 6.80
CA ALA A 1102 2.07 -7.34 7.15
C ALA A 1102 1.28 -8.07 8.23
N HIS A 1103 1.19 -9.40 8.15
CA HIS A 1103 0.50 -10.17 9.18
C HIS A 1103 1.18 -10.02 10.53
N ALA A 1104 2.52 -10.11 10.55
CA ALA A 1104 3.25 -9.97 11.80
C ALA A 1104 3.10 -8.58 12.41
N LEU A 1105 3.15 -7.55 11.57
CA LEU A 1105 3.02 -6.18 12.06
C LEU A 1105 1.64 -5.94 12.66
N HIS A 1106 0.59 -6.44 12.01
CA HIS A 1106 -0.76 -6.17 12.48
C HIS A 1106 -1.08 -6.93 13.77
N VAL A 1107 -0.66 -8.20 13.86
CA VAL A 1107 -0.94 -8.97 15.08
C VAL A 1107 -0.14 -8.41 16.26
N THR A 1108 1.08 -7.95 16.00
CA THR A 1108 1.88 -7.33 17.07
C THR A 1108 1.21 -6.05 17.55
N CYS A 1109 0.71 -5.22 16.62
CA CYS A 1109 0.03 -4.00 17.01
C CYS A 1109 -1.24 -4.30 17.79
N VAL A 1110 -2.03 -5.29 17.33
CA VAL A 1110 -3.27 -5.63 18.01
C VAL A 1110 -3.00 -6.10 19.43
N GLU A 1111 -1.97 -6.95 19.61
CA GLU A 1111 -1.63 -7.42 20.95
C GLU A 1111 -1.18 -6.28 21.84
N LEU A 1112 -0.36 -5.37 21.32
CA LEU A 1112 0.08 -4.22 22.11
C LEU A 1112 -1.09 -3.30 22.45
N MET A 1113 -2.02 -3.12 21.49
CA MET A 1113 -3.21 -2.32 21.78
C MET A 1113 -4.07 -2.98 22.85
N ALA A 1114 -4.19 -4.31 22.82
CA ALA A 1114 -5.02 -5.02 23.79
C ALA A 1114 -4.39 -5.05 25.18
N LEU A 1115 -3.10 -4.73 25.30
CA LEU A 1115 -2.47 -4.69 26.61
C LEU A 1115 -3.11 -3.62 27.48
N ALA A 1116 -3.33 -3.94 28.75
CA ALA A 1116 -3.94 -3.02 29.69
C ALA A 1116 -2.88 -2.14 30.37
N VAL A 1117 -2.05 -1.50 29.55
CA VAL A 1117 -0.97 -0.65 30.01
C VAL A 1117 -1.01 0.65 29.21
N SER A 1118 -0.73 1.76 29.89
CA SER A 1118 -0.85 3.07 29.26
C SER A 1118 0.07 3.19 28.05
N GLY A 1119 -0.33 4.03 27.10
CA GLY A 1119 0.44 4.18 25.87
C GLY A 1119 1.82 4.74 26.12
N LYS A 1120 1.95 5.65 27.08
CA LYS A 1120 3.27 6.19 27.42
C LYS A 1120 4.19 5.10 27.93
N GLU A 1121 3.67 4.21 28.79
CA GLU A 1121 4.47 3.11 29.31
C GLU A 1121 4.87 2.14 28.20
N VAL A 1122 3.93 1.84 27.29
CA VAL A 1122 4.24 0.92 26.19
C VAL A 1122 5.30 1.52 25.28
N GLY A 1123 5.15 2.80 24.94
CA GLY A 1123 6.15 3.45 24.10
C GLY A 1123 7.51 3.52 24.75
N ASN A 1124 7.53 3.83 26.07
CA ASN A 1124 8.81 3.86 26.79
C ASN A 1124 9.46 2.48 26.82
N ALA A 1125 8.66 1.43 27.02
CA ALA A 1125 9.20 0.07 27.03
C ALA A 1125 9.76 -0.31 25.66
N LEU A 1126 9.04 0.03 24.60
CA LEU A 1126 9.53 -0.27 23.25
C LEU A 1126 10.83 0.45 22.95
N LEU A 1127 10.92 1.72 23.34
CA LEU A 1127 12.17 2.46 23.18
C LEU A 1127 13.28 1.85 24.04
N ASN A 1128 12.95 1.45 25.27
CA ASN A 1128 13.95 0.90 26.18
C ASN A 1128 14.48 -0.45 25.71
N VAL A 1129 13.80 -1.11 24.77
CA VAL A 1129 14.27 -2.40 24.26
C VAL A 1129 15.65 -2.23 23.63
N VAL A 1130 15.87 -1.13 22.94
CA VAL A 1130 17.16 -0.84 22.32
C VAL A 1130 17.98 0.14 23.16
N LEU A 1131 17.34 1.16 23.73
CA LEU A 1131 18.06 2.24 24.38
C LEU A 1131 18.56 1.89 25.77
N LYS A 1132 18.21 0.71 26.29
CA LYS A 1132 18.75 0.21 27.55
C LYS A 1132 19.61 -1.02 27.28
N SER A 1133 20.67 -1.17 28.06
CA SER A 1133 21.54 -2.33 27.94
C SER A 1133 20.78 -3.60 28.30
N GLN A 1134 20.46 -4.42 27.31
CA GLN A 1134 19.56 -5.54 27.48
C GLN A 1134 20.02 -6.76 26.68
N PRO A 1135 19.93 -7.96 27.26
CA PRO A 1135 20.17 -9.17 26.46
C PRO A 1135 19.05 -9.42 25.47
N LEU A 1136 19.18 -10.48 24.67
CA LEU A 1136 18.26 -10.88 23.61
C LEU A 1136 18.26 -9.91 22.44
N VAL A 1137 19.02 -8.82 22.52
CA VAL A 1137 19.13 -7.84 21.43
C VAL A 1137 20.61 -7.63 21.16
N PRO A 1138 21.26 -8.52 20.40
CA PRO A 1138 22.70 -8.40 20.20
C PRO A 1138 23.08 -7.25 19.30
N ARG A 1139 24.34 -6.83 19.42
CA ARG A 1139 24.89 -5.82 18.53
C ARG A 1139 25.13 -6.47 17.16
N GLU A 1140 25.57 -5.67 16.19
CA GLU A 1140 25.79 -6.06 14.80
C GLU A 1140 24.48 -6.38 14.10
N ASN A 1141 23.35 -6.29 14.80
CA ASN A 1141 22.02 -6.47 14.22
C ASN A 1141 21.04 -5.44 14.79
N ILE A 1142 21.54 -4.35 15.37
CA ILE A 1142 20.68 -3.38 16.04
C ILE A 1142 19.85 -2.57 15.05
N THR A 1143 20.29 -2.45 13.80
CA THR A 1143 19.53 -1.67 12.82
C THR A 1143 18.24 -2.36 12.44
N ALA A 1144 18.25 -3.69 12.35
CA ALA A 1144 17.03 -4.43 12.08
C ALA A 1144 16.02 -4.27 13.21
N TRP A 1145 16.49 -4.31 14.46
CA TRP A 1145 15.62 -4.07 15.60
C TRP A 1145 15.06 -2.65 15.58
N MET A 1146 15.90 -1.67 15.23
CA MET A 1146 15.44 -0.29 15.14
C MET A 1146 14.39 -0.13 14.05
N ASN A 1147 14.57 -0.81 12.92
CA ASN A 1147 13.58 -0.75 11.85
C ASN A 1147 12.25 -1.35 12.29
N ALA A 1148 12.30 -2.48 13.00
CA ALA A 1148 11.07 -3.10 13.50
C ALA A 1148 10.38 -2.20 14.52
N ILE A 1149 11.15 -1.57 15.41
CA ILE A 1149 10.56 -0.66 16.39
C ILE A 1149 9.91 0.54 15.70
N GLY A 1150 10.59 1.09 14.69
CA GLY A 1150 10.02 2.21 13.96
C GLY A 1150 8.72 1.87 13.27
N LEU A 1151 8.65 0.68 12.65
CA LEU A 1151 7.42 0.25 11.99
C LEU A 1151 6.29 0.07 12.99
N ILE A 1152 6.58 -0.56 14.13
CA ILE A 1152 5.54 -0.83 15.12
C ILE A 1152 5.04 0.46 15.74
N ILE A 1153 5.96 1.34 16.15
CA ILE A 1153 5.55 2.57 16.84
C ILE A 1153 4.91 3.56 15.87
N THR A 1154 5.20 3.47 14.58
CA THR A 1154 4.50 4.32 13.61
C THR A 1154 3.06 3.85 13.43
N ALA A 1155 2.85 2.54 13.32
CA ALA A 1155 1.50 2.01 13.20
C ALA A 1155 0.68 2.18 14.47
N LEU A 1156 1.34 2.38 15.61
CA LEU A 1156 0.63 2.58 16.86
C LEU A 1156 0.04 3.99 16.92
N PRO A 1157 -1.00 4.19 17.74
CA PRO A 1157 -1.66 5.52 17.79
C PRO A 1157 -0.77 6.61 18.37
N GLU A 1158 -1.31 7.83 18.40
CA GLU A 1158 -0.53 9.01 18.80
C GLU A 1158 0.08 8.91 20.19
N PRO A 1159 -0.64 8.47 21.24
CA PRO A 1159 -0.01 8.43 22.57
C PRO A 1159 1.19 7.50 22.66
N TYR A 1160 1.39 6.62 21.70
CA TYR A 1160 2.49 5.66 21.75
C TYR A 1160 3.78 6.21 21.17
N TRP A 1161 3.73 6.92 20.05
CA TRP A 1161 4.93 7.46 19.42
C TRP A 1161 5.20 8.91 19.83
N ILE A 1162 4.51 9.42 20.85
CA ILE A 1162 4.76 10.78 21.33
C ILE A 1162 5.90 10.83 22.33
N VAL A 1163 6.32 9.69 22.87
CA VAL A 1163 7.41 9.65 23.85
C VAL A 1163 8.77 9.94 23.23
N LEU A 1164 8.87 9.93 21.90
CA LEU A 1164 10.14 10.22 21.25
C LEU A 1164 10.59 11.65 21.54
N HIS A 1165 9.65 12.60 21.56
CA HIS A 1165 9.99 13.98 21.86
C HIS A 1165 10.55 14.12 23.28
N ASP A 1166 9.92 13.44 24.24
CA ASP A 1166 10.41 13.51 25.62
C ASP A 1166 11.80 12.91 25.73
N ARG A 1167 12.05 11.81 25.01
CA ARG A 1167 13.38 11.19 25.07
C ARG A 1167 14.43 12.08 24.41
N ILE A 1168 14.06 12.77 23.32
CA ILE A 1168 14.98 13.71 22.69
C ILE A 1168 15.32 14.84 23.64
N VAL A 1169 14.33 15.37 24.36
CA VAL A 1169 14.58 16.44 25.32
C VAL A 1169 15.51 15.95 26.43
N SER A 1170 15.33 14.71 26.87
CA SER A 1170 16.19 14.17 27.92
C SER A 1170 17.65 14.09 27.45
N VAL A 1171 17.88 13.64 26.22
CA VAL A 1171 19.23 13.62 25.68
C VAL A 1171 19.76 15.04 25.47
N ILE A 1172 18.90 15.98 25.11
CA ILE A 1172 19.34 17.36 24.91
C ILE A 1172 19.85 17.94 26.23
N SER A 1173 19.15 17.68 27.32
CA SER A 1173 19.55 18.16 28.63
C SER A 1173 20.63 17.30 29.29
N SER A 1174 21.14 16.30 28.59
CA SER A 1174 22.17 15.44 29.15
C SER A 1174 23.46 16.24 29.35
N PRO A 1175 24.23 15.91 30.40
CA PRO A 1175 25.51 16.61 30.61
C PRO A 1175 26.53 16.34 29.53
N SER A 1176 26.37 15.28 28.72
CA SER A 1176 27.30 15.03 27.63
C SER A 1176 27.29 16.16 26.62
N LEU A 1177 26.09 16.66 26.28
CA LEU A 1177 25.97 17.79 25.37
C LEU A 1177 26.06 19.13 26.09
N THR A 1178 25.69 19.18 27.37
CA THR A 1178 25.70 20.43 28.12
C THR A 1178 27.12 20.84 28.51
N SER A 1179 28.03 19.88 28.69
CA SER A 1179 29.36 20.18 29.19
C SER A 1179 30.12 21.09 28.23
N GLU A 1180 30.81 22.08 28.81
CA GLU A 1180 31.65 23.00 28.04
C GLU A 1180 33.06 22.43 27.91
N THR A 1181 33.15 21.33 27.18
CA THR A 1181 34.40 20.59 27.09
C THR A 1181 35.22 21.13 25.92
N GLU A 1182 36.51 20.78 25.89
CA GLU A 1182 37.47 21.33 24.93
C GLU A 1182 37.87 20.31 23.87
N TRP A 1183 36.88 19.55 23.38
CA TRP A 1183 37.14 18.55 22.34
C TRP A 1183 37.75 19.16 21.09
N VAL A 1184 38.76 18.48 20.55
CA VAL A 1184 39.38 18.85 19.29
C VAL A 1184 38.72 18.04 18.18
N GLY A 1185 38.50 18.68 17.04
CA GLY A 1185 37.83 18.04 15.93
C GLY A 1185 36.33 17.98 16.12
N TYR A 1186 35.66 17.53 15.07
CA TYR A 1186 34.20 17.42 15.10
C TYR A 1186 33.79 16.25 15.98
N PRO A 1187 32.80 16.41 16.86
CA PRO A 1187 32.36 15.29 17.72
C PRO A 1187 31.58 14.24 16.95
N PHE A 1188 32.28 13.36 16.23
CA PHE A 1188 31.61 12.37 15.39
C PHE A 1188 31.00 11.25 16.21
N ARG A 1189 31.60 10.92 17.36
CA ARG A 1189 31.17 9.75 18.13
C ARG A 1189 29.78 9.90 18.71
N LEU A 1190 29.29 11.12 18.89
CA LEU A 1190 27.98 11.34 19.48
C LEU A 1190 26.84 11.08 18.51
N PHE A 1191 27.11 11.07 17.20
CA PHE A 1191 26.06 10.96 16.21
C PHE A 1191 26.09 9.66 15.41
N ASP A 1192 27.12 8.83 15.60
CA ASP A 1192 27.26 7.57 14.89
C ASP A 1192 27.18 6.46 15.94
N PHE A 1193 26.25 5.52 15.75
CA PHE A 1193 26.09 4.40 16.66
C PHE A 1193 26.98 3.22 16.31
N THR A 1194 27.62 3.24 15.15
CA THR A 1194 28.58 2.19 14.79
C THR A 1194 30.00 2.69 15.09
N ALA A 1195 30.29 2.81 16.38
CA ALA A 1195 31.57 3.31 16.85
C ALA A 1195 32.28 2.23 17.66
N CYS A 1196 33.41 2.61 18.26
CA CYS A 1196 34.19 1.70 19.10
C CYS A 1196 33.52 1.61 20.47
N HIS A 1197 34.26 1.04 21.44
CA HIS A 1197 33.75 0.94 22.80
C HIS A 1197 33.30 2.30 23.32
N GLN A 1198 32.00 2.42 23.58
CA GLN A 1198 31.38 3.68 23.92
C GLN A 1198 30.94 3.69 25.37
N SER A 1199 31.03 4.85 26.00
CA SER A 1199 30.49 5.02 27.34
C SER A 1199 28.96 5.07 27.29
N TYR A 1200 28.33 4.97 28.46
CA TYR A 1200 26.88 4.91 28.53
C TYR A 1200 26.24 6.18 27.98
N SER A 1201 26.79 7.34 28.31
CA SER A 1201 26.19 8.60 27.88
C SER A 1201 26.29 8.77 26.37
N GLU A 1202 27.47 8.52 25.79
CA GLU A 1202 27.62 8.65 24.34
C GLU A 1202 26.80 7.60 23.61
N MET A 1203 26.73 6.37 24.15
CA MET A 1203 25.92 5.34 23.53
C MET A 1203 24.45 5.72 23.51
N SER A 1204 23.95 6.27 24.61
CA SER A 1204 22.55 6.72 24.64
C SER A 1204 22.33 7.88 23.66
N CYS A 1205 23.30 8.80 23.57
CA CYS A 1205 23.14 9.96 22.69
C CYS A 1205 23.08 9.53 21.23
N SER A 1206 23.94 8.59 20.82
CA SER A 1206 23.94 8.13 19.43
C SER A 1206 22.75 7.25 19.13
N TYR A 1207 22.39 6.37 20.08
CA TYR A 1207 21.28 5.45 19.85
C TYR A 1207 19.95 6.19 19.75
N THR A 1208 19.77 7.26 20.52
CA THR A 1208 18.55 8.05 20.44
C THR A 1208 18.41 8.69 19.05
N LEU A 1209 19.52 9.21 18.51
CA LEU A 1209 19.48 9.81 17.18
C LEU A 1209 19.17 8.77 16.12
N ALA A 1210 19.78 7.58 16.22
CA ALA A 1210 19.50 6.52 15.26
C ALA A 1210 18.05 6.05 15.34
N LEU A 1211 17.53 5.88 16.57
CA LEU A 1211 16.15 5.46 16.72
C LEU A 1211 15.18 6.51 16.20
N ALA A 1212 15.48 7.79 16.43
CA ALA A 1212 14.62 8.85 15.93
C ALA A 1212 14.59 8.86 14.40
N HIS A 1213 15.76 8.65 13.77
CA HIS A 1213 15.80 8.59 12.31
C HIS A 1213 15.00 7.40 11.79
N ALA A 1214 15.12 6.25 12.46
CA ALA A 1214 14.38 5.07 12.02
C ALA A 1214 12.88 5.27 12.15
N VAL A 1215 12.43 5.91 13.23
CA VAL A 1215 11.01 6.15 13.42
C VAL A 1215 10.48 7.15 12.41
N TRP A 1216 11.21 8.26 12.22
CA TRP A 1216 10.75 9.30 11.30
C TRP A 1216 10.83 8.85 9.84
N HIS A 1217 11.65 7.84 9.53
CA HIS A 1217 11.71 7.32 8.17
C HIS A 1217 10.39 6.67 7.78
N HIS A 1218 9.76 5.94 8.71
CA HIS A 1218 8.52 5.23 8.45
C HIS A 1218 7.28 6.07 8.73
N SER A 1219 7.46 7.29 9.25
CA SER A 1219 6.32 8.13 9.60
C SER A 1219 5.69 8.73 8.35
N SER A 1220 4.41 9.09 8.49
CA SER A 1220 3.68 9.78 7.43
C SER A 1220 3.94 11.29 7.52
N ILE A 1221 3.47 12.01 6.51
CA ILE A 1221 3.69 13.46 6.46
C ILE A 1221 2.89 14.16 7.56
N GLY A 1222 1.71 13.63 7.91
CA GLY A 1222 0.95 14.20 9.00
C GLY A 1222 1.65 14.04 10.35
N GLN A 1223 2.28 12.88 10.56
CA GLN A 1223 3.05 12.67 11.78
C GLN A 1223 4.29 13.54 11.81
N LEU A 1224 4.89 13.81 10.65
CA LEU A 1224 6.07 14.66 10.57
C LEU A 1224 5.73 16.14 10.73
N SER A 1225 4.45 16.51 10.62
CA SER A 1225 4.07 17.91 10.69
C SER A 1225 4.24 18.51 12.08
N LEU A 1226 4.37 17.68 13.11
CA LEU A 1226 4.52 18.17 14.48
C LEU A 1226 5.95 18.58 14.80
N ILE A 1227 6.92 18.25 13.95
CA ILE A 1227 8.31 18.60 14.23
C ILE A 1227 8.54 20.11 14.28
N PRO A 1228 8.05 20.91 13.33
CA PRO A 1228 8.26 22.37 13.46
C PRO A 1228 7.69 22.96 14.72
N LYS A 1229 6.53 22.48 15.17
CA LYS A 1229 5.98 22.97 16.44
C LYS A 1229 6.82 22.50 17.62
N PHE A 1230 7.33 21.27 17.55
CA PHE A 1230 8.21 20.77 18.61
C PHE A 1230 9.48 21.60 18.71
N LEU A 1231 10.08 21.94 17.57
CA LEU A 1231 11.28 22.77 17.58
C LEU A 1231 11.00 24.16 18.13
N THR A 1232 9.86 24.75 17.75
CA THR A 1232 9.58 26.13 18.08
C THR A 1232 9.29 26.32 19.57
N GLU A 1233 8.47 25.44 20.14
CA GLU A 1233 7.96 25.65 21.49
C GLU A 1233 8.66 24.84 22.57
N VAL A 1234 9.53 23.90 22.21
CA VAL A 1234 10.16 23.05 23.21
C VAL A 1234 11.68 23.21 23.20
N LEU A 1235 12.31 22.88 22.07
CA LEU A 1235 13.76 22.84 22.02
C LEU A 1235 14.39 24.24 21.97
N LEU A 1236 13.73 25.21 21.36
CA LEU A 1236 14.33 26.53 21.21
C LEU A 1236 14.66 27.19 22.55
N PRO A 1237 13.78 27.22 23.56
CA PRO A 1237 14.14 27.91 24.81
C PRO A 1237 15.19 27.18 25.64
N ILE A 1238 15.60 25.98 25.27
CA ILE A 1238 16.58 25.23 26.05
C ILE A 1238 17.89 24.97 25.30
N VAL A 1239 17.94 25.22 23.99
CA VAL A 1239 19.18 25.06 23.24
C VAL A 1239 20.03 26.30 23.45
N LYS A 1240 21.18 26.13 24.11
CA LYS A 1240 22.04 27.26 24.43
C LYS A 1240 23.52 26.98 24.20
N THR A 1241 23.88 25.85 23.59
CA THR A 1241 25.28 25.53 23.37
C THR A 1241 25.44 24.95 21.97
N GLU A 1242 26.70 24.94 21.51
CA GLU A 1242 26.99 24.51 20.15
C GLU A 1242 26.64 23.04 19.95
N PHE A 1243 26.87 22.22 20.97
CA PHE A 1243 26.62 20.78 20.83
C PHE A 1243 25.13 20.49 20.70
N GLN A 1244 24.29 21.17 21.48
CA GLN A 1244 22.85 21.02 21.33
C GLN A 1244 22.39 21.48 19.96
N LEU A 1245 22.97 22.58 19.46
CA LEU A 1245 22.60 23.08 18.13
C LEU A 1245 22.96 22.07 17.04
N LEU A 1246 24.15 21.46 17.14
CA LEU A 1246 24.55 20.45 16.16
C LEU A 1246 23.68 19.21 16.25
N TYR A 1247 23.28 18.83 17.47
CA TYR A 1247 22.40 17.68 17.64
C TYR A 1247 21.05 17.92 16.99
N VAL A 1248 20.50 19.13 17.13
CA VAL A 1248 19.22 19.46 16.50
C VAL A 1248 19.35 19.44 14.98
N TYR A 1249 20.45 19.98 14.45
CA TYR A 1249 20.67 19.94 13.01
C TYR A 1249 20.79 18.51 12.51
N HIS A 1250 21.48 17.64 13.27
CA HIS A 1250 21.59 16.24 12.88
C HIS A 1250 20.23 15.56 12.88
N LEU A 1251 19.37 15.92 13.84
CA LEU A 1251 18.07 15.26 13.97
C LEU A 1251 17.13 15.63 12.83
N VAL A 1252 17.03 16.93 12.52
CA VAL A 1252 16.01 17.43 11.61
C VAL A 1252 16.55 17.64 10.20
N GLY A 1253 17.87 17.53 10.01
CA GLY A 1253 18.49 17.76 8.73
C GLY A 1253 17.99 16.91 7.58
N PRO A 1254 18.17 15.58 7.66
CA PRO A 1254 17.90 14.72 6.51
C PRO A 1254 16.45 14.68 6.05
N PHE A 1255 15.52 15.27 6.80
CA PHE A 1255 14.09 15.15 6.49
C PHE A 1255 13.51 16.42 5.88
N LEU A 1256 14.36 17.33 5.39
CA LEU A 1256 13.87 18.51 4.69
C LEU A 1256 13.38 18.17 3.28
N GLN A 1257 13.93 17.12 2.67
CA GLN A 1257 13.50 16.72 1.33
C GLN A 1257 12.05 16.27 1.33
N ARG A 1258 11.63 15.56 2.37
CA ARG A 1258 10.24 15.13 2.45
C ARG A 1258 9.29 16.32 2.55
N PHE A 1259 9.67 17.34 3.33
CA PHE A 1259 8.85 18.53 3.40
C PHE A 1259 8.81 19.28 2.07
N GLN A 1260 9.91 19.22 1.30
CA GLN A 1260 9.95 19.91 0.02
C GLN A 1260 8.91 19.35 -0.95
N GLN A 1261 8.61 18.06 -0.87
CA GLN A 1261 7.72 17.42 -1.83
C GLN A 1261 6.25 17.50 -1.46
N GLU A 1262 5.91 17.54 -0.16
CA GLU A 1262 4.52 17.53 0.27
C GLU A 1262 4.10 18.83 0.96
N ARG A 1263 4.78 19.24 2.04
CA ARG A 1263 4.35 20.38 2.85
C ARG A 1263 5.41 21.47 2.78
N THR A 1264 5.20 22.46 1.92
CA THR A 1264 6.17 23.53 1.75
C THR A 1264 6.19 24.47 2.95
N ARG A 1265 5.05 24.67 3.61
CA ARG A 1265 4.96 25.67 4.67
C ARG A 1265 5.88 25.34 5.84
N CYS A 1266 6.00 24.05 6.18
CA CYS A 1266 6.84 23.65 7.31
C CYS A 1266 8.30 24.01 7.12
N MET A 1267 8.75 24.15 5.87
CA MET A 1267 10.14 24.52 5.61
C MET A 1267 10.46 25.90 6.16
N ILE A 1268 9.53 26.85 6.00
CA ILE A 1268 9.78 28.21 6.48
C ILE A 1268 9.97 28.21 7.99
N GLU A 1269 9.10 27.48 8.70
CA GLU A 1269 9.20 27.43 10.16
C GLU A 1269 10.51 26.78 10.61
N ILE A 1270 10.92 25.71 9.93
CA ILE A 1270 12.17 25.04 10.30
C ILE A 1270 13.36 25.97 10.08
N GLY A 1271 13.37 26.71 8.96
CA GLY A 1271 14.48 27.59 8.67
C GLY A 1271 14.62 28.71 9.69
N VAL A 1272 13.51 29.37 10.01
CA VAL A 1272 13.56 30.45 11.00
C VAL A 1272 13.91 29.90 12.37
N ALA A 1273 13.44 28.70 12.70
CA ALA A 1273 13.79 28.08 13.97
C ALA A 1273 15.29 27.82 14.06
N PHE A 1274 15.89 27.35 12.97
CA PHE A 1274 17.33 27.10 12.97
C PHE A 1274 18.12 28.39 13.14
N TYR A 1275 17.71 29.46 12.44
CA TYR A 1275 18.39 30.74 12.58
C TYR A 1275 18.20 31.31 13.98
N ASP A 1276 17.00 31.15 14.56
CA ASP A 1276 16.76 31.61 15.92
C ASP A 1276 17.64 30.86 16.91
N MET A 1277 17.79 29.54 16.72
CA MET A 1277 18.67 28.76 17.59
C MET A 1277 20.12 29.22 17.44
N LEU A 1278 20.55 29.48 16.22
CA LEU A 1278 21.91 29.97 15.99
C LEU A 1278 22.12 31.33 16.67
N LEU A 1279 21.13 32.21 16.58
CA LEU A 1279 21.22 33.51 17.24
C LEU A 1279 21.33 33.36 18.75
N ASN A 1280 20.54 32.46 19.34
CA ASN A 1280 20.58 32.26 20.79
C ASN A 1280 21.92 31.69 21.23
N VAL A 1281 22.43 30.68 20.52
CA VAL A 1281 23.70 30.07 20.89
C VAL A 1281 24.84 31.08 20.74
N ASP A 1282 24.82 31.87 19.66
CA ASP A 1282 25.87 32.87 19.45
C ASP A 1282 25.87 33.90 20.57
N GLN A 1283 24.69 34.36 21.00
CA GLN A 1283 24.62 35.34 22.08
C GLN A 1283 25.11 34.75 23.40
N CYS A 1284 24.71 33.53 23.72
CA CYS A 1284 25.06 32.94 25.01
C CYS A 1284 26.53 32.55 25.07
N SER A 1285 27.03 31.89 24.02
CA SER A 1285 28.39 31.37 24.03
C SER A 1285 29.41 32.47 23.73
N THR A 1286 30.59 32.32 24.33
CA THR A 1286 31.67 33.29 24.10
C THR A 1286 32.22 33.17 22.68
N HIS A 1287 32.45 31.95 22.21
CA HIS A 1287 32.97 31.72 20.88
C HIS A 1287 32.49 30.38 20.37
N LEU A 1288 32.49 30.23 19.04
CA LEU A 1288 32.06 29.02 18.37
C LEU A 1288 33.24 28.36 17.69
N ASN A 1289 33.34 27.04 17.82
CA ASN A 1289 34.44 26.28 17.24
C ASN A 1289 34.09 25.62 15.90
N TYR A 1290 32.80 25.48 15.59
CA TYR A 1290 32.39 24.79 14.38
C TYR A 1290 31.56 25.70 13.49
N MET A 1291 32.04 26.92 13.27
CA MET A 1291 31.33 27.87 12.42
C MET A 1291 31.17 27.33 11.00
N ASP A 1292 32.23 26.73 10.45
CA ASP A 1292 32.20 26.29 9.07
C ASP A 1292 31.12 25.24 8.80
N PRO A 1293 30.98 24.16 9.58
CA PRO A 1293 29.89 23.21 9.29
C PRO A 1293 28.51 23.85 9.36
N ILE A 1294 28.28 24.76 10.31
CA ILE A 1294 27.00 25.45 10.39
C ILE A 1294 26.80 26.33 9.16
N CYS A 1295 27.86 27.03 8.74
CA CYS A 1295 27.77 27.88 7.56
C CYS A 1295 27.45 27.05 6.31
N ASP A 1296 28.12 25.91 6.17
CA ASP A 1296 27.91 25.07 5.00
C ASP A 1296 26.51 24.49 4.96
N PHE A 1297 25.99 24.07 6.11
CA PHE A 1297 24.65 23.52 6.16
C PHE A 1297 23.59 24.55 5.77
N LEU A 1298 23.74 25.78 6.26
CA LEU A 1298 22.78 26.83 5.92
C LEU A 1298 22.85 27.19 4.43
N TYR A 1299 24.07 27.25 3.87
CA TYR A 1299 24.21 27.49 2.44
C TYR A 1299 23.60 26.36 1.62
N HIS A 1300 23.81 25.10 2.05
CA HIS A 1300 23.22 23.97 1.36
C HIS A 1300 21.70 24.01 1.41
N MET A 1301 21.14 24.35 2.56
CA MET A 1301 19.68 24.43 2.68
C MET A 1301 19.11 25.52 1.79
N LYS A 1302 19.75 26.68 1.76
CA LYS A 1302 19.26 27.78 0.93
C LYS A 1302 19.31 27.45 -0.55
N TYR A 1303 20.40 26.83 -1.00
CA TYR A 1303 20.61 26.60 -2.43
C TYR A 1303 19.86 25.40 -2.96
N MET A 1304 19.32 24.54 -2.09
CA MET A 1304 18.66 23.32 -2.54
C MET A 1304 17.18 23.26 -2.19
N PHE A 1305 16.80 23.65 -0.99
CA PHE A 1305 15.42 23.46 -0.52
C PHE A 1305 14.65 24.77 -0.38
N THR A 1306 15.16 25.72 0.41
CA THR A 1306 14.34 26.88 0.74
C THR A 1306 14.38 27.93 -0.37
N GLY A 1307 15.59 28.32 -0.80
CA GLY A 1307 15.72 29.32 -1.84
C GLY A 1307 15.59 30.75 -1.36
N ASP A 1308 14.92 31.58 -2.15
CA ASP A 1308 14.77 33.00 -1.87
C ASP A 1308 13.55 33.29 -1.01
N SER A 1309 12.80 32.27 -0.59
CA SER A 1309 11.54 32.50 0.10
C SER A 1309 11.73 33.24 1.41
N VAL A 1310 12.77 32.89 2.17
CA VAL A 1310 13.02 33.49 3.48
C VAL A 1310 14.07 34.58 3.30
N LYS A 1311 13.62 35.83 3.21
CA LYS A 1311 14.55 36.96 3.17
C LYS A 1311 14.31 37.97 4.28
N GLU A 1312 13.07 38.44 4.46
CA GLU A 1312 12.81 39.53 5.39
C GLU A 1312 13.11 39.12 6.84
N GLN A 1313 12.62 37.95 7.25
CA GLN A 1313 12.89 37.48 8.60
C GLN A 1313 14.31 36.97 8.78
N VAL A 1314 14.99 36.61 7.70
CA VAL A 1314 16.39 36.20 7.80
C VAL A 1314 17.28 37.40 8.13
N GLU A 1315 17.05 38.53 7.48
CA GLU A 1315 17.91 39.70 7.68
C GLU A 1315 17.90 40.15 9.13
N LYS A 1316 16.73 40.14 9.77
CA LYS A 1316 16.63 40.59 11.16
C LYS A 1316 17.49 39.72 12.07
N ILE A 1317 17.48 38.40 11.84
CA ILE A 1317 18.28 37.50 12.66
C ILE A 1317 19.77 37.67 12.37
N ILE A 1318 20.13 37.79 11.09
CA ILE A 1318 21.54 37.86 10.72
C ILE A 1318 22.18 39.14 11.23
N CYS A 1319 21.43 40.24 11.22
CA CYS A 1319 22.01 41.55 11.56
C CYS A 1319 22.49 41.60 13.00
N ASN A 1320 21.93 40.78 13.88
CA ASN A 1320 22.28 40.81 15.30
C ASN A 1320 23.41 39.85 15.66
N LEU A 1321 23.98 39.14 14.69
CA LEU A 1321 25.04 38.19 14.97
C LEU A 1321 26.38 38.91 15.17
N LYS A 1322 27.37 38.14 15.60
CA LYS A 1322 28.72 38.67 15.78
C LYS A 1322 29.36 38.97 14.42
N PRO A 1323 30.35 39.86 14.39
CA PRO A 1323 30.95 40.24 13.10
C PRO A 1323 31.53 39.06 12.33
N ALA A 1324 32.10 38.06 13.01
CA ALA A 1324 32.64 36.91 12.32
C ALA A 1324 31.56 36.14 11.57
N LEU A 1325 30.44 35.86 12.25
CA LEU A 1325 29.34 35.14 11.61
C LEU A 1325 28.69 36.00 10.52
N LYS A 1326 28.59 37.31 10.75
CA LYS A 1326 28.02 38.18 9.72
C LYS A 1326 28.86 38.16 8.45
N LEU A 1327 30.18 38.13 8.59
CA LEU A 1327 31.05 38.02 7.42
C LEU A 1327 30.89 36.66 6.75
N ARG A 1328 30.67 35.61 7.54
CA ARG A 1328 30.55 34.27 6.97
C ARG A 1328 29.29 34.13 6.12
N LEU A 1329 28.17 34.71 6.57
CA LEU A 1329 26.89 34.60 5.88
C LEU A 1329 26.43 35.94 5.31
N ARG A 1330 27.35 36.72 4.74
CA ARG A 1330 26.95 37.95 4.07
C ARG A 1330 26.21 37.71 2.76
N PHE A 1331 26.25 36.49 2.23
CA PHE A 1331 25.62 36.16 0.95
C PHE A 1331 24.26 35.49 1.09
N ILE A 1332 23.75 35.31 2.30
CA ILE A 1332 22.41 34.73 2.45
C ILE A 1332 21.35 35.65 1.88
N THR A 1333 21.44 36.96 2.19
CA THR A 1333 20.44 37.90 1.73
C THR A 1333 20.43 38.01 0.21
N HIS A 1334 21.60 38.05 -0.41
CA HIS A 1334 21.70 38.17 -1.86
C HIS A 1334 21.25 36.90 -2.55
#